data_6AG0
#
_entry.id   6AG0
#
_cell.length_a   75.870
_cell.length_b   81.820
_cell.length_c   88.780
_cell.angle_alpha   90.00
_cell.angle_beta   105.85
_cell.angle_gamma   90.00
#
_symmetry.space_group_name_H-M   'P 1 21 1'
#
loop_
_entity.id
_entity.type
_entity.pdbx_description
1 polymer Alpha-amylase
2 branched 4,6-dideoxy-4-{[(1S,4R,5S,6S)-4,5,6-trihydroxy-3-(hydroxymethyl)cyclohex-2-en-1-yl]amino}-alpha-D-glucopyranose-(1-4)-alpha-D-glucopyranose-(1-4)-alpha-D-glucopyranose
3 non-polymer 'CALCIUM ION'
4 water water
#
_entity_poly.entity_id   1
_entity_poly.type   'polypeptide(L)'
_entity_poly.pdbx_seq_one_letter_code
;MKKFLKSTAALALGLSLTFGLFSPAQAAAPFNGTMMQYFEWYLPDDGTLWTKVANEANNLSSLGITALWLPPAYKGTSRS
DVGYGVYDLYDLGEFNQKGTVRTKYGTKAQYLQAIQAAHAAGMQVYADVVFDHKGGADGTEWVDAVEVNPSDRNQEISGT
YQIQAWTKFDFPGRGNTYSSFKWRWYHFDGVDWDESRKLSRIYKFRGIGKAWDWEVDTENGNYDYLMYADLDMDHPEVVT
ELKNWGKWYVNTTNIDGFRLDAVKHIKFSFFPDWLSYVRSQTGKPLFTVGEYWSYDINKLHNYITKTNGTMSLFDAPLHN
KFYTASKSGGAFDMRTLMTNTLMKDQPTLAVTFVDNHDTEPGQALQSWVDPWFKPLAYAFILTRQEGYPGVFYGDYYGIP
QYNIPSLKSKIDPLLIARRDYAYGTQHDYLDHSDIIGWTREGVTEKPGSGLAALITDGPGGSKWMYVGKQHAGKVFYDLT
GNRSDTVTITSDGWGEFKVNGGSVSVWVPRKTTVSTITRPITTRPWTGEFVRWTEPRLVAWP
;
_entity_poly.pdbx_strand_id   A,C
#
loop_
_chem_comp.id
_chem_comp.type
_chem_comp.name
_chem_comp.formula
AC1 D-saccharide 4,6-dideoxy-4-{[(1S,4R,5S,6S)-4,5,6-trihydroxy-3-(hydroxymethyl)cyclohex-2-en-1-yl]amino}-alpha-D-glucopyranose 'C13 H23 N O8'
CA non-polymer 'CALCIUM ION' 'Ca 2'
GLC D-saccharide, alpha linking alpha-D-glucopyranose 'C6 H12 O6'
#
# COMPACT_ATOMS: atom_id res chain seq x y z
N PRO A 30 8.24 -14.42 -40.45
CA PRO A 30 7.94 -14.14 -39.04
C PRO A 30 8.60 -12.83 -38.53
N PHE A 31 7.93 -12.16 -37.60
CA PHE A 31 8.44 -10.91 -37.06
C PHE A 31 7.82 -10.67 -35.70
N ASN A 32 8.49 -9.84 -34.90
CA ASN A 32 7.97 -9.44 -33.60
C ASN A 32 7.66 -7.95 -33.63
N GLY A 33 6.36 -7.63 -33.64
CA GLY A 33 5.98 -6.23 -33.53
C GLY A 33 6.40 -5.66 -32.20
N THR A 34 6.89 -4.43 -32.23
CA THR A 34 7.35 -3.73 -31.03
C THR A 34 7.01 -2.25 -31.21
N MET A 35 6.20 -1.71 -30.32
CA MET A 35 5.84 -0.30 -30.43
C MET A 35 6.68 0.53 -29.46
N MET A 36 6.72 1.84 -29.68
CA MET A 36 7.36 2.74 -28.75
C MET A 36 6.45 3.94 -28.51
N GLN A 37 6.13 4.23 -27.26
CA GLN A 37 5.43 5.49 -27.01
C GLN A 37 6.47 6.59 -27.03
N TYR A 38 6.33 7.52 -27.96
CA TYR A 38 7.46 8.40 -28.27
C TYR A 38 7.26 9.80 -27.71
N PHE A 39 6.98 9.88 -26.42
CA PHE A 39 6.94 11.15 -25.70
C PHE A 39 6.85 10.84 -24.23
N GLU A 40 7.12 11.84 -23.41
CA GLU A 40 6.84 11.76 -21.99
C GLU A 40 6.33 13.11 -21.52
N TRP A 41 5.86 13.15 -20.28
CA TRP A 41 5.12 14.30 -19.81
C TRP A 41 6.01 15.54 -19.72
N TYR A 42 7.22 15.41 -19.18
CA TYR A 42 8.02 16.58 -18.84
C TYR A 42 8.92 17.04 -19.98
N LEU A 43 8.61 16.66 -21.22
CA LEU A 43 9.37 17.19 -22.34
C LEU A 43 9.29 18.71 -22.34
N PRO A 44 10.37 19.40 -22.71
CA PRO A 44 10.30 20.87 -22.82
C PRO A 44 9.37 21.30 -23.95
N ASP A 45 8.78 22.49 -23.78
CA ASP A 45 7.90 23.06 -24.78
C ASP A 45 8.76 23.82 -25.79
N ASP A 46 9.52 23.04 -26.57
CA ASP A 46 10.44 23.62 -27.54
C ASP A 46 10.11 23.30 -28.99
N GLY A 47 9.00 22.62 -29.27
CA GLY A 47 8.58 22.38 -30.64
C GLY A 47 9.55 21.59 -31.48
N THR A 48 10.17 20.55 -30.91
CA THR A 48 11.19 19.77 -31.59
C THR A 48 10.86 18.28 -31.72
N LEU A 49 9.78 17.80 -31.11
CA LEU A 49 9.53 16.37 -31.08
C LEU A 49 9.30 15.80 -32.48
N TRP A 50 8.56 16.52 -33.33
CA TRP A 50 8.33 16.00 -34.69
C TRP A 50 9.65 15.87 -35.44
N THR A 51 10.54 16.86 -35.28
CA THR A 51 11.86 16.77 -35.89
C THR A 51 12.65 15.60 -35.32
N LYS A 52 12.50 15.32 -34.02
CA LYS A 52 13.24 14.20 -33.45
C LYS A 52 12.76 12.86 -34.01
N VAL A 53 11.46 12.69 -34.19
CA VAL A 53 10.97 11.48 -34.85
C VAL A 53 11.61 11.31 -36.23
N ALA A 54 11.64 12.40 -37.01
CA ALA A 54 12.25 12.33 -38.35
C ALA A 54 13.71 11.91 -38.27
N ASN A 55 14.43 12.40 -37.26
CA ASN A 55 15.87 12.09 -37.17
C ASN A 55 16.14 10.69 -36.67
N GLU A 56 15.27 10.16 -35.80
CA GLU A 56 15.53 8.90 -35.10
C GLU A 56 14.88 7.70 -35.75
N ALA A 57 13.99 7.90 -36.75
CA ALA A 57 13.17 6.80 -37.25
C ALA A 57 14.04 5.65 -37.76
N ASN A 58 15.15 5.95 -38.43
CA ASN A 58 16.03 4.90 -38.90
C ASN A 58 16.61 4.07 -37.75
N ASN A 59 17.29 4.73 -36.81
CA ASN A 59 17.86 4.03 -35.66
C ASN A 59 16.85 3.11 -34.99
N LEU A 60 15.68 3.64 -34.65
CA LEU A 60 14.69 2.86 -33.92
C LEU A 60 14.22 1.65 -34.72
N SER A 61 14.08 1.81 -36.04
CA SER A 61 13.68 0.68 -36.87
C SER A 61 14.73 -0.43 -36.83
N SER A 62 16.01 -0.06 -36.90
CA SER A 62 17.07 -1.06 -36.84
C SER A 62 17.08 -1.82 -35.53
N LEU A 63 16.51 -1.26 -34.46
CA LEU A 63 16.39 -2.00 -33.20
C LEU A 63 15.17 -2.92 -33.18
N GLY A 64 14.36 -2.94 -34.22
CA GLY A 64 13.18 -3.77 -34.24
C GLY A 64 11.89 -3.08 -33.83
N ILE A 65 11.91 -1.77 -33.58
CA ILE A 65 10.68 -0.99 -33.41
C ILE A 65 9.90 -0.97 -34.72
N THR A 66 8.64 -1.39 -34.67
CA THR A 66 7.79 -1.38 -35.86
C THR A 66 6.63 -0.37 -35.80
N ALA A 67 6.44 0.34 -34.68
CA ALA A 67 5.38 1.34 -34.63
C ALA A 67 5.69 2.39 -33.56
N LEU A 68 5.29 3.63 -33.85
CA LEU A 68 5.40 4.73 -32.92
C LEU A 68 4.01 5.19 -32.49
N TRP A 69 3.77 5.27 -31.18
CA TRP A 69 2.59 5.95 -30.66
C TRP A 69 3.01 7.40 -30.38
N LEU A 70 2.49 8.35 -31.16
CA LEU A 70 2.80 9.77 -31.09
C LEU A 70 1.77 10.52 -30.24
N PRO A 71 2.18 11.53 -29.48
CA PRO A 71 1.23 12.28 -28.63
C PRO A 71 0.19 13.01 -29.46
N PRO A 72 -0.89 13.51 -28.82
CA PRO A 72 -1.89 14.27 -29.59
C PRO A 72 -1.25 15.43 -30.31
N ALA A 73 -1.54 15.54 -31.61
CA ALA A 73 -0.83 16.45 -32.50
C ALA A 73 -1.59 17.71 -32.80
N TYR A 74 -2.78 17.87 -32.22
CA TYR A 74 -3.63 19.02 -32.48
C TYR A 74 -3.56 20.00 -31.31
N LYS A 75 -4.06 21.21 -31.57
CA LYS A 75 -3.84 22.35 -30.69
C LYS A 75 -4.53 22.14 -29.35
N GLY A 76 -3.79 22.28 -28.25
CA GLY A 76 -4.34 22.19 -26.91
C GLY A 76 -4.74 23.54 -26.36
N THR A 77 -5.00 23.56 -25.04
CA THR A 77 -5.40 24.80 -24.35
C THR A 77 -4.30 25.85 -24.37
N SER A 78 -3.06 25.44 -24.63
CA SER A 78 -1.95 26.36 -24.74
C SER A 78 -0.82 25.59 -25.42
N ARG A 79 0.27 26.29 -25.72
CA ARG A 79 1.29 25.64 -26.53
C ARG A 79 2.07 24.61 -25.72
N SER A 80 2.08 24.73 -24.39
CA SER A 80 2.72 23.74 -23.53
C SER A 80 1.78 22.62 -23.11
N ASP A 81 0.53 22.62 -23.58
CA ASP A 81 -0.36 21.48 -23.32
C ASP A 81 0.27 20.21 -23.90
N VAL A 82 0.27 19.13 -23.11
CA VAL A 82 0.81 17.84 -23.57
C VAL A 82 -0.05 17.26 -24.69
N GLY A 83 -1.29 17.73 -24.82
CA GLY A 83 -2.16 17.37 -25.93
C GLY A 83 -3.53 16.93 -25.47
N TYR A 84 -3.66 16.57 -24.19
CA TYR A 84 -4.90 16.05 -23.66
C TYR A 84 -5.91 17.14 -23.30
N GLY A 85 -5.48 18.38 -23.23
CA GLY A 85 -6.44 19.46 -23.16
C GLY A 85 -6.76 19.97 -24.55
N VAL A 86 -7.46 19.15 -25.34
CA VAL A 86 -7.64 19.43 -26.76
C VAL A 86 -8.50 20.69 -26.94
N TYR A 87 -7.97 21.66 -27.67
CA TYR A 87 -8.80 22.79 -28.09
C TYR A 87 -9.42 22.60 -29.49
N ASP A 88 -8.61 22.27 -30.50
CA ASP A 88 -9.12 22.18 -31.88
C ASP A 88 -8.51 20.96 -32.59
N LEU A 89 -9.30 19.89 -32.71
CA LEU A 89 -8.92 18.68 -33.42
C LEU A 89 -8.37 18.94 -34.83
N TYR A 90 -8.78 20.04 -35.48
CA TYR A 90 -8.43 20.29 -36.88
C TYR A 90 -7.19 21.17 -37.05
N ASP A 91 -6.48 21.50 -35.98
CA ASP A 91 -5.35 22.44 -36.00
C ASP A 91 -4.10 21.66 -35.59
N LEU A 92 -3.36 21.14 -36.58
CA LEU A 92 -2.19 20.32 -36.28
C LEU A 92 -0.91 21.14 -36.12
N GLY A 93 -1.03 22.34 -35.54
CA GLY A 93 0.10 23.22 -35.45
C GLY A 93 0.23 24.04 -36.71
N GLU A 94 -0.93 24.47 -37.23
CA GLU A 94 -1.08 25.18 -38.49
C GLU A 94 -1.68 26.57 -38.36
N PHE A 95 -2.63 26.78 -37.45
CA PHE A 95 -3.33 28.05 -37.32
C PHE A 95 -2.92 28.76 -36.03
N ASN A 96 -2.94 30.10 -36.07
CA ASN A 96 -2.62 30.89 -34.90
C ASN A 96 -3.82 30.86 -33.95
N GLN A 97 -3.73 30.02 -32.92
CA GLN A 97 -4.80 29.77 -31.98
C GLN A 97 -4.15 29.43 -30.63
N LYS A 98 -4.75 29.93 -29.54
CA LYS A 98 -4.25 29.74 -28.18
C LYS A 98 -2.84 30.31 -28.04
N GLY A 99 -2.57 31.42 -28.72
CA GLY A 99 -1.32 32.13 -28.54
C GLY A 99 -0.13 31.52 -29.23
N THR A 100 -0.35 30.63 -30.19
CA THR A 100 0.75 29.92 -30.83
C THR A 100 0.24 29.34 -32.13
N VAL A 101 1.13 29.25 -33.11
CA VAL A 101 0.82 28.46 -34.30
C VAL A 101 1.19 27.02 -34.02
N ARG A 102 2.46 26.75 -33.73
CA ARG A 102 2.86 25.37 -33.48
C ARG A 102 2.26 24.86 -32.18
N THR A 103 2.08 23.55 -32.10
CA THR A 103 1.78 22.90 -30.82
C THR A 103 3.08 22.75 -30.02
N LYS A 104 2.98 22.03 -28.89
CA LYS A 104 4.16 21.66 -28.11
C LYS A 104 5.20 20.95 -28.95
N TYR A 105 4.76 20.11 -29.87
CA TYR A 105 5.64 19.19 -30.57
C TYR A 105 6.17 19.75 -31.91
N GLY A 106 5.54 20.76 -32.47
CA GLY A 106 5.99 21.37 -33.71
C GLY A 106 4.83 21.75 -34.58
N THR A 107 5.16 22.14 -35.82
CA THR A 107 4.20 22.58 -36.81
C THR A 107 3.55 21.41 -37.55
N LYS A 108 2.51 21.73 -38.32
CA LYS A 108 1.84 20.70 -39.13
C LYS A 108 2.77 20.12 -40.18
N ALA A 109 3.57 20.95 -40.82
CA ALA A 109 4.49 20.46 -41.83
C ALA A 109 5.47 19.46 -41.22
N GLN A 110 6.06 19.82 -40.08
CA GLN A 110 6.93 18.90 -39.35
C GLN A 110 6.21 17.63 -38.93
N TYR A 111 4.92 17.70 -38.61
CA TYR A 111 4.21 16.48 -38.24
C TYR A 111 4.13 15.51 -39.41
N LEU A 112 3.88 16.04 -40.61
CA LEU A 112 3.76 15.21 -41.80
C LEU A 112 5.10 14.58 -42.16
N GLN A 113 6.19 15.36 -42.10
CA GLN A 113 7.53 14.82 -42.32
C GLN A 113 7.84 13.69 -41.34
N ALA A 114 7.47 13.85 -40.06
CA ALA A 114 7.74 12.77 -39.11
C ALA A 114 7.03 11.50 -39.54
N ILE A 115 5.76 11.62 -39.95
CA ILE A 115 5.02 10.43 -40.36
C ILE A 115 5.67 9.80 -41.60
N GLN A 116 6.13 10.64 -42.53
CA GLN A 116 6.74 10.08 -43.73
C GLN A 116 8.08 9.45 -43.43
N ALA A 117 8.87 10.07 -42.55
CA ALA A 117 10.13 9.45 -42.12
C ALA A 117 9.88 8.10 -41.44
N ALA A 118 8.85 8.04 -40.59
CA ALA A 118 8.51 6.77 -39.96
C ALA A 118 8.14 5.73 -41.02
N HIS A 119 7.48 6.15 -42.09
CA HIS A 119 7.11 5.21 -43.14
C HIS A 119 8.32 4.79 -43.98
N ALA A 120 9.19 5.73 -44.34
CA ALA A 120 10.41 5.39 -45.09
C ALA A 120 11.26 4.37 -44.35
N ALA A 121 11.28 4.41 -43.02
CA ALA A 121 12.05 3.43 -42.25
C ALA A 121 11.26 2.16 -41.98
N GLY A 122 10.07 2.02 -42.55
CA GLY A 122 9.30 0.80 -42.37
C GLY A 122 8.52 0.71 -41.08
N MET A 123 8.13 1.84 -40.48
CA MET A 123 7.38 1.84 -39.24
C MET A 123 5.97 2.37 -39.44
N GLN A 124 5.03 1.79 -38.71
CA GLN A 124 3.68 2.33 -38.61
C GLN A 124 3.64 3.48 -37.59
N VAL A 125 2.60 4.30 -37.69
CA VAL A 125 2.39 5.42 -36.79
C VAL A 125 0.98 5.35 -36.24
N TYR A 126 0.86 5.38 -34.92
CA TYR A 126 -0.41 5.44 -34.22
C TYR A 126 -0.57 6.84 -33.61
N ALA A 127 -1.66 7.50 -33.94
CA ALA A 127 -1.92 8.85 -33.45
C ALA A 127 -2.80 8.80 -32.21
N ASP A 128 -2.48 9.66 -31.24
CA ASP A 128 -3.30 9.76 -30.04
C ASP A 128 -4.63 10.45 -30.36
N VAL A 129 -5.75 9.86 -29.93
CA VAL A 129 -7.09 10.41 -30.20
C VAL A 129 -7.79 10.73 -28.89
N VAL A 130 -8.19 12.00 -28.72
CA VAL A 130 -8.75 12.49 -27.46
C VAL A 130 -10.17 12.94 -27.74
N PHE A 131 -11.15 12.10 -27.42
CA PHE A 131 -12.55 12.42 -27.65
C PHE A 131 -13.36 12.67 -26.38
N ASP A 132 -12.82 12.37 -25.19
CA ASP A 132 -13.66 12.43 -23.99
C ASP A 132 -14.18 13.84 -23.69
N HIS A 133 -13.39 14.87 -23.99
CA HIS A 133 -13.68 16.20 -23.49
C HIS A 133 -13.07 17.24 -24.42
N LYS A 134 -13.40 18.51 -24.17
CA LYS A 134 -12.84 19.62 -24.93
C LYS A 134 -12.63 20.79 -23.98
N GLY A 135 -11.42 21.39 -24.02
CA GLY A 135 -11.08 22.48 -23.13
C GLY A 135 -10.60 23.71 -23.90
N GLY A 136 -10.48 24.81 -23.15
CA GLY A 136 -10.01 26.06 -23.74
C GLY A 136 -11.02 26.76 -24.62
N ALA A 137 -12.31 26.64 -24.31
CA ALA A 137 -13.35 27.25 -25.13
C ALA A 137 -13.13 28.76 -25.29
N ASP A 138 -13.54 29.28 -26.45
CA ASP A 138 -13.39 30.70 -26.75
C ASP A 138 -14.27 31.56 -25.86
N GLY A 139 -15.39 31.01 -25.41
CA GLY A 139 -16.27 31.77 -24.55
C GLY A 139 -17.17 30.87 -23.74
N THR A 140 -17.88 31.51 -22.82
CA THR A 140 -18.84 30.85 -21.95
C THR A 140 -20.25 30.98 -22.53
N GLU A 141 -21.13 30.12 -22.04
CA GLU A 141 -22.55 30.20 -22.31
C GLU A 141 -23.31 30.00 -21.01
N TRP A 142 -24.49 30.61 -20.91
CA TRP A 142 -25.38 30.32 -19.79
C TRP A 142 -26.16 29.04 -20.05
N VAL A 143 -26.13 28.12 -19.09
CA VAL A 143 -26.73 26.79 -19.24
C VAL A 143 -27.46 26.45 -17.94
N ASP A 144 -28.70 25.93 -18.05
CA ASP A 144 -29.36 25.30 -16.92
C ASP A 144 -28.60 24.02 -16.57
N ALA A 145 -28.13 23.90 -15.32
CA ALA A 145 -27.35 22.75 -14.92
C ALA A 145 -27.77 22.32 -13.51
N VAL A 146 -27.36 21.10 -13.14
CA VAL A 146 -27.55 20.60 -11.79
C VAL A 146 -26.27 19.93 -11.32
N GLU A 147 -25.95 20.10 -10.05
CA GLU A 147 -24.80 19.43 -9.47
C GLU A 147 -25.14 17.97 -9.23
N VAL A 148 -24.15 17.10 -9.42
CA VAL A 148 -24.28 15.69 -9.09
C VAL A 148 -23.21 15.32 -8.08
N ASN A 149 -23.44 14.24 -7.39
CA ASN A 149 -22.53 13.82 -6.34
C ASN A 149 -21.22 13.34 -6.99
N PRO A 150 -20.07 13.91 -6.63
CA PRO A 150 -18.81 13.49 -7.26
C PRO A 150 -18.53 12.01 -7.10
N SER A 151 -19.00 11.41 -6.02
CA SER A 151 -18.86 9.98 -5.79
C SER A 151 -20.01 9.17 -6.35
N ASP A 152 -21.10 9.81 -6.77
CA ASP A 152 -22.19 9.10 -7.44
C ASP A 152 -22.89 10.08 -8.39
N ARG A 153 -22.46 10.05 -9.66
CA ARG A 153 -22.91 11.03 -10.65
C ARG A 153 -24.34 10.80 -11.11
N ASN A 154 -25.00 9.73 -10.66
CA ASN A 154 -26.43 9.53 -10.86
C ASN A 154 -27.28 10.22 -9.79
N GLN A 155 -26.67 10.90 -8.83
CA GLN A 155 -27.39 11.49 -7.72
C GLN A 155 -27.26 13.01 -7.82
N GLU A 156 -28.36 13.68 -8.13
CA GLU A 156 -28.37 15.14 -8.11
C GLU A 156 -28.36 15.65 -6.67
N ILE A 157 -27.51 16.66 -6.40
CA ILE A 157 -27.35 17.18 -5.06
C ILE A 157 -27.62 18.67 -4.99
N SER A 158 -28.31 19.21 -6.00
CA SER A 158 -28.74 20.60 -6.00
C SER A 158 -30.04 20.66 -6.77
N GLY A 159 -30.60 21.86 -6.84
CA GLY A 159 -31.62 22.17 -7.82
C GLY A 159 -30.98 22.61 -9.13
N THR A 160 -31.85 22.87 -10.11
CA THR A 160 -31.42 23.41 -11.39
C THR A 160 -31.16 24.91 -11.28
N TYR A 161 -29.96 25.33 -11.66
CA TYR A 161 -29.69 26.75 -11.80
C TYR A 161 -28.76 27.02 -12.98
N GLN A 162 -28.68 28.31 -13.34
CA GLN A 162 -27.99 28.76 -14.54
C GLN A 162 -26.52 28.91 -14.22
N ILE A 163 -25.66 28.27 -15.01
CA ILE A 163 -24.24 28.44 -14.84
C ILE A 163 -23.63 29.02 -16.10
N GLN A 164 -22.44 29.54 -15.94
CA GLN A 164 -21.66 30.10 -17.03
C GLN A 164 -20.56 29.07 -17.32
N ALA A 165 -20.72 28.34 -18.42
CA ALA A 165 -19.89 27.18 -18.72
C ALA A 165 -19.06 27.44 -19.97
N TRP A 166 -17.83 26.92 -19.97
CA TRP A 166 -16.85 27.12 -21.05
C TRP A 166 -17.13 26.10 -22.15
N THR A 167 -18.08 26.45 -23.02
CA THR A 167 -18.56 25.53 -24.06
C THR A 167 -18.65 26.12 -25.47
N LYS A 168 -18.32 27.39 -25.67
CA LYS A 168 -18.43 28.00 -26.99
C LYS A 168 -17.11 27.83 -27.71
N PHE A 169 -17.13 27.10 -28.83
CA PHE A 169 -15.95 26.90 -29.66
C PHE A 169 -16.24 27.42 -31.06
N ASP A 170 -15.55 28.49 -31.46
CA ASP A 170 -15.72 29.09 -32.79
C ASP A 170 -14.46 29.06 -33.65
N PHE A 171 -13.28 28.85 -33.04
CA PHE A 171 -12.03 28.64 -33.78
C PHE A 171 -11.66 29.86 -34.60
N PRO A 172 -11.42 30.99 -33.95
CA PRO A 172 -11.16 32.23 -34.70
C PRO A 172 -9.90 32.15 -35.55
N GLY A 173 -8.93 31.31 -35.19
CA GLY A 173 -7.72 31.22 -35.99
C GLY A 173 -7.85 30.33 -37.22
N ARG A 174 -8.76 29.37 -37.21
CA ARG A 174 -8.92 28.46 -38.33
C ARG A 174 -10.03 28.85 -39.30
N GLY A 175 -11.05 29.56 -38.84
CA GLY A 175 -12.20 29.80 -39.69
C GLY A 175 -12.95 28.51 -39.92
N ASN A 176 -13.49 28.36 -41.14
CA ASN A 176 -14.21 27.15 -41.53
C ASN A 176 -13.34 26.16 -42.27
N THR A 177 -12.03 26.41 -42.37
CA THR A 177 -11.11 25.49 -43.02
C THR A 177 -11.28 24.08 -42.49
N TYR A 178 -11.39 23.11 -43.42
CA TYR A 178 -11.56 21.68 -43.13
C TYR A 178 -12.92 21.37 -42.51
N SER A 179 -13.43 22.27 -41.67
CA SER A 179 -14.66 22.02 -40.93
C SER A 179 -15.28 23.33 -40.48
N SER A 180 -16.58 23.49 -40.72
CA SER A 180 -17.30 24.66 -40.26
C SER A 180 -18.12 24.38 -38.99
N PHE A 181 -17.92 23.23 -38.36
CA PHE A 181 -18.68 22.86 -37.17
C PHE A 181 -18.30 23.71 -35.97
N LYS A 182 -19.31 24.32 -35.34
CA LYS A 182 -19.13 25.10 -34.11
C LYS A 182 -19.74 24.34 -32.94
N TRP A 183 -19.00 24.25 -31.84
CA TRP A 183 -19.43 23.51 -30.66
C TRP A 183 -20.10 24.46 -29.66
N ARG A 184 -21.14 23.95 -29.00
CA ARG A 184 -21.91 24.71 -28.04
C ARG A 184 -22.28 23.80 -26.89
N TRP A 185 -22.80 24.39 -25.81
CA TRP A 185 -23.09 23.63 -24.60
C TRP A 185 -23.92 22.39 -24.88
N TYR A 186 -24.86 22.48 -25.81
CA TYR A 186 -25.74 21.34 -26.00
C TYR A 186 -25.04 20.17 -26.68
N HIS A 187 -23.81 20.34 -27.13
CA HIS A 187 -23.02 19.20 -27.61
C HIS A 187 -22.29 18.48 -26.47
N PHE A 188 -22.40 18.97 -25.24
CA PHE A 188 -21.68 18.43 -24.09
C PHE A 188 -22.67 17.94 -23.05
N ASP A 189 -22.21 17.03 -22.19
CA ASP A 189 -23.05 16.58 -21.09
C ASP A 189 -22.81 17.37 -19.79
N GLY A 190 -21.67 18.02 -19.64
CA GLY A 190 -21.39 18.69 -18.38
C GLY A 190 -20.03 19.34 -18.37
N VAL A 191 -19.78 20.08 -17.28
CA VAL A 191 -18.53 20.78 -17.00
C VAL A 191 -18.29 20.67 -15.49
N ASP A 192 -17.09 21.05 -15.05
CA ASP A 192 -16.82 21.04 -13.63
C ASP A 192 -16.49 22.42 -13.07
N TRP A 193 -16.86 23.48 -13.79
CA TRP A 193 -16.53 24.84 -13.39
C TRP A 193 -17.65 25.78 -13.79
N ASP A 194 -18.16 26.55 -12.84
CA ASP A 194 -19.09 27.63 -13.11
C ASP A 194 -18.32 28.94 -13.03
N GLU A 195 -18.24 29.65 -14.16
CA GLU A 195 -17.41 30.85 -14.25
C GLU A 195 -18.03 32.04 -13.54
N SER A 196 -19.36 32.07 -13.39
CA SER A 196 -19.99 33.24 -12.75
C SER A 196 -19.75 33.27 -11.24
N ARG A 197 -19.81 32.11 -10.58
CA ARG A 197 -19.67 32.03 -9.12
C ARG A 197 -18.32 31.51 -8.69
N LYS A 198 -17.45 31.14 -9.65
CA LYS A 198 -16.16 30.53 -9.34
C LYS A 198 -16.34 29.25 -8.54
N LEU A 199 -17.31 28.43 -8.93
CA LEU A 199 -17.63 27.21 -8.21
C LEU A 199 -17.09 26.00 -8.97
N SER A 200 -16.45 25.10 -8.23
CA SER A 200 -15.97 23.84 -8.78
C SER A 200 -16.83 22.70 -8.26
N ARG A 201 -17.74 22.21 -9.10
CA ARG A 201 -18.56 21.04 -8.80
C ARG A 201 -18.80 20.31 -10.11
N ILE A 202 -19.33 19.09 -10.02
CA ILE A 202 -19.69 18.35 -11.22
C ILE A 202 -21.08 18.79 -11.63
N TYR A 203 -21.18 19.54 -12.73
CA TYR A 203 -22.45 20.00 -13.26
C TYR A 203 -22.90 19.13 -14.45
N LYS A 204 -24.10 18.58 -14.36
CA LYS A 204 -24.76 17.93 -15.49
C LYS A 204 -25.70 18.94 -16.15
N PHE A 205 -25.65 19.03 -17.48
CA PHE A 205 -26.49 19.96 -18.19
C PHE A 205 -27.92 19.45 -18.24
N ARG A 206 -28.88 20.37 -18.31
CA ARG A 206 -30.28 20.04 -18.53
C ARG A 206 -30.60 20.09 -20.02
N GLY A 207 -31.64 19.37 -20.40
CA GLY A 207 -32.07 19.39 -21.80
C GLY A 207 -32.82 18.13 -22.17
N ILE A 208 -33.51 18.20 -23.30
CA ILE A 208 -34.29 17.06 -23.77
C ILE A 208 -33.34 15.91 -24.09
N GLY A 209 -33.51 14.78 -23.39
CA GLY A 209 -32.65 13.63 -23.57
C GLY A 209 -31.27 13.76 -22.97
N LYS A 210 -30.96 14.89 -22.33
CA LYS A 210 -29.65 15.13 -21.76
C LYS A 210 -29.40 14.25 -20.54
N ALA A 211 -28.33 13.45 -20.58
CA ALA A 211 -27.96 12.53 -19.51
C ALA A 211 -26.49 12.13 -19.68
N TRP A 212 -25.86 11.70 -18.57
CA TRP A 212 -24.55 11.08 -18.70
C TRP A 212 -24.66 9.89 -19.63
N ASP A 213 -23.62 9.68 -20.42
CA ASP A 213 -23.59 8.62 -21.42
C ASP A 213 -23.53 7.24 -20.75
N TRP A 214 -23.93 6.22 -21.52
CA TRP A 214 -23.96 4.85 -21.02
C TRP A 214 -23.92 3.92 -22.23
N GLU A 215 -23.08 2.88 -22.21
CA GLU A 215 -22.33 2.39 -21.05
C GLU A 215 -20.97 3.08 -20.84
N VAL A 216 -20.59 3.29 -19.57
CA VAL A 216 -19.27 3.77 -19.19
C VAL A 216 -18.85 3.00 -17.94
N ASP A 217 -17.66 3.33 -17.43
CA ASP A 217 -17.21 2.73 -16.18
C ASP A 217 -18.11 3.14 -15.02
N THR A 218 -18.30 2.20 -14.08
CA THR A 218 -19.21 2.37 -12.97
C THR A 218 -18.54 2.85 -11.69
N GLU A 219 -17.24 3.15 -11.71
CA GLU A 219 -16.66 3.86 -10.60
C GLU A 219 -17.33 5.23 -10.49
N ASN A 220 -17.60 5.66 -9.25
CA ASN A 220 -18.42 6.84 -8.94
C ASN A 220 -19.81 6.74 -9.56
N GLY A 221 -20.33 5.52 -9.69
CA GLY A 221 -21.67 5.31 -10.24
C GLY A 221 -21.75 5.43 -11.75
N ASN A 222 -21.15 6.49 -12.29
CA ASN A 222 -21.09 6.71 -13.73
C ASN A 222 -19.89 7.61 -13.94
N TYR A 223 -18.86 7.11 -14.62
CA TYR A 223 -17.60 7.82 -14.75
C TYR A 223 -17.45 8.52 -16.11
N ASP A 224 -18.57 8.93 -16.71
CA ASP A 224 -18.51 9.66 -17.96
C ASP A 224 -17.82 11.02 -17.77
N TYR A 225 -18.23 11.79 -16.75
CA TYR A 225 -17.57 13.09 -16.60
C TYR A 225 -16.16 12.91 -16.07
N LEU A 226 -15.21 13.61 -16.70
CA LEU A 226 -13.84 13.55 -16.19
C LEU A 226 -13.21 14.92 -16.00
N MET A 227 -13.27 15.78 -17.02
CA MET A 227 -12.62 17.09 -16.95
C MET A 227 -13.09 17.95 -18.13
N TYR A 228 -12.82 19.25 -18.02
CA TYR A 228 -13.17 20.24 -19.04
C TYR A 228 -14.65 20.10 -19.41
N ALA A 229 -14.99 20.35 -20.67
CA ALA A 229 -16.35 20.16 -21.15
C ALA A 229 -16.45 18.76 -21.77
N ASP A 230 -17.31 17.94 -21.17
CA ASP A 230 -17.43 16.53 -21.48
C ASP A 230 -18.34 16.29 -22.68
N LEU A 231 -17.84 15.57 -23.67
CA LEU A 231 -18.61 15.36 -24.90
C LEU A 231 -19.80 14.46 -24.66
N ASP A 232 -20.91 14.79 -25.31
CA ASP A 232 -22.14 14.01 -25.31
C ASP A 232 -22.13 13.08 -26.52
N MET A 233 -21.69 11.84 -26.33
CA MET A 233 -21.61 10.85 -27.40
C MET A 233 -22.98 10.36 -27.82
N ASP A 234 -24.02 10.77 -27.12
CA ASP A 234 -25.39 10.50 -27.55
C ASP A 234 -25.91 11.53 -28.55
N HIS A 235 -25.21 12.63 -28.78
CA HIS A 235 -25.71 13.63 -29.71
C HIS A 235 -25.29 13.29 -31.11
N PRO A 236 -26.24 13.19 -32.04
CA PRO A 236 -25.88 12.74 -33.40
C PRO A 236 -24.98 13.73 -34.13
N GLU A 237 -25.16 15.04 -33.92
CA GLU A 237 -24.27 16.01 -34.55
C GLU A 237 -22.83 15.77 -34.12
N VAL A 238 -22.62 15.40 -32.84
CA VAL A 238 -21.27 15.16 -32.34
C VAL A 238 -20.68 13.88 -32.94
N VAL A 239 -21.47 12.80 -32.98
CA VAL A 239 -21.00 11.55 -33.60
C VAL A 239 -20.57 11.81 -35.03
N THR A 240 -21.39 12.54 -35.78
CA THR A 240 -21.11 12.81 -37.19
C THR A 240 -19.83 13.60 -37.34
N GLU A 241 -19.64 14.60 -36.48
CA GLU A 241 -18.49 15.49 -36.61
C GLU A 241 -17.19 14.75 -36.31
N LEU A 242 -17.20 13.88 -35.30
CA LEU A 242 -16.02 13.09 -34.97
C LEU A 242 -15.74 12.07 -36.06
N LYS A 243 -16.77 11.54 -36.71
CA LYS A 243 -16.55 10.66 -37.84
C LYS A 243 -15.92 11.42 -39.01
N ASN A 244 -16.42 12.64 -39.28
CA ASN A 244 -15.81 13.44 -40.35
C ASN A 244 -14.36 13.78 -40.01
N TRP A 245 -14.07 14.11 -38.74
CA TRP A 245 -12.68 14.40 -38.37
C TRP A 245 -11.81 13.16 -38.52
N GLY A 246 -12.34 12.00 -38.11
CA GLY A 246 -11.57 10.77 -38.24
C GLY A 246 -11.13 10.53 -39.67
N LYS A 247 -12.09 10.57 -40.60
CA LYS A 247 -11.76 10.40 -42.01
C LYS A 247 -10.77 11.46 -42.48
N TRP A 248 -11.08 12.74 -42.22
CA TRP A 248 -10.18 13.82 -42.63
C TRP A 248 -8.75 13.60 -42.13
N TYR A 249 -8.61 13.20 -40.87
CA TYR A 249 -7.29 13.15 -40.24
C TYR A 249 -6.44 12.02 -40.84
N VAL A 250 -7.04 10.85 -41.03
CA VAL A 250 -6.31 9.75 -41.66
C VAL A 250 -5.89 10.12 -43.07
N ASN A 251 -6.77 10.78 -43.82
CA ASN A 251 -6.46 11.16 -45.21
C ASN A 251 -5.44 12.29 -45.26
N THR A 252 -5.43 13.17 -44.26
CA THR A 252 -4.48 14.27 -44.27
C THR A 252 -3.07 13.82 -43.86
N THR A 253 -2.97 12.86 -42.95
CA THR A 253 -1.72 12.48 -42.32
C THR A 253 -1.19 11.14 -42.79
N ASN A 254 -2.05 10.25 -43.29
CA ASN A 254 -1.63 8.93 -43.69
C ASN A 254 -1.16 8.11 -42.49
N ILE A 255 -1.67 8.43 -41.30
CA ILE A 255 -1.32 7.61 -40.12
C ILE A 255 -1.87 6.20 -40.34
N ASP A 256 -1.37 5.26 -39.54
CA ASP A 256 -1.70 3.86 -39.69
C ASP A 256 -2.62 3.32 -38.61
N GLY A 257 -2.89 4.09 -37.56
CA GLY A 257 -3.74 3.59 -36.51
C GLY A 257 -3.91 4.63 -35.42
N PHE A 258 -4.57 4.20 -34.33
CA PHE A 258 -4.95 5.10 -33.25
C PHE A 258 -4.62 4.53 -31.88
N ARG A 259 -4.24 5.41 -30.98
CA ARG A 259 -4.29 5.18 -29.55
C ARG A 259 -5.45 6.00 -29.00
N LEU A 260 -6.45 5.33 -28.46
CA LEU A 260 -7.69 5.96 -28.01
C LEU A 260 -7.57 6.33 -26.53
N ASP A 261 -7.64 7.64 -26.24
CA ASP A 261 -7.46 8.12 -24.88
C ASP A 261 -8.73 7.95 -24.04
N ALA A 262 -8.55 7.46 -22.82
CA ALA A 262 -9.54 7.57 -21.73
C ALA A 262 -10.85 6.90 -22.09
N VAL A 263 -10.79 5.70 -22.69
CA VAL A 263 -12.00 5.08 -23.21
C VAL A 263 -12.96 4.65 -22.11
N LYS A 264 -12.50 4.44 -20.87
CA LYS A 264 -13.46 4.07 -19.83
C LYS A 264 -14.44 5.20 -19.53
N HIS A 265 -14.13 6.45 -19.91
CA HIS A 265 -15.02 7.58 -19.71
C HIS A 265 -15.87 7.90 -20.95
N ILE A 266 -15.86 7.03 -21.96
CA ILE A 266 -16.51 7.30 -23.24
C ILE A 266 -17.50 6.17 -23.55
N LYS A 267 -18.73 6.52 -23.89
CA LYS A 267 -19.76 5.56 -24.27
C LYS A 267 -19.16 4.39 -25.04
N PHE A 268 -19.29 3.18 -24.47
CA PHE A 268 -18.59 2.02 -25.01
C PHE A 268 -18.98 1.76 -26.45
N SER A 269 -20.27 1.87 -26.76
CA SER A 269 -20.75 1.59 -28.09
C SER A 269 -20.27 2.59 -29.11
N PHE A 270 -19.59 3.66 -28.68
CA PHE A 270 -19.27 4.70 -29.66
C PHE A 270 -18.14 4.28 -30.58
N PHE A 271 -17.06 3.67 -30.04
CA PHE A 271 -15.87 3.40 -30.85
C PHE A 271 -16.01 2.24 -31.84
N PRO A 272 -16.74 1.17 -31.51
CA PRO A 272 -17.09 0.20 -32.58
C PRO A 272 -17.68 0.87 -33.79
N ASP A 273 -18.65 1.76 -33.58
CA ASP A 273 -19.27 2.50 -34.69
C ASP A 273 -18.30 3.48 -35.33
N TRP A 274 -17.50 4.16 -34.52
CA TRP A 274 -16.57 5.15 -35.07
C TRP A 274 -15.47 4.47 -35.89
N LEU A 275 -14.85 3.42 -35.34
CA LEU A 275 -13.76 2.76 -36.02
C LEU A 275 -14.20 2.14 -37.34
N SER A 276 -15.38 1.51 -37.36
CA SER A 276 -15.84 0.88 -38.59
C SER A 276 -16.15 1.92 -39.65
N TYR A 277 -16.53 3.13 -39.25
CA TYR A 277 -16.68 4.21 -40.22
C TYR A 277 -15.33 4.65 -40.78
N VAL A 278 -14.37 4.95 -39.88
CA VAL A 278 -13.10 5.52 -40.33
C VAL A 278 -12.27 4.47 -41.08
N ARG A 279 -12.32 3.20 -40.67
CA ARG A 279 -11.57 2.17 -41.38
C ARG A 279 -12.10 2.01 -42.81
N SER A 280 -13.42 1.87 -42.95
CA SER A 280 -14.01 1.61 -44.26
C SER A 280 -13.99 2.84 -45.16
N GLN A 281 -14.08 4.03 -44.58
CA GLN A 281 -14.07 5.24 -45.39
C GLN A 281 -12.66 5.71 -45.74
N THR A 282 -11.62 5.17 -45.10
CA THR A 282 -10.25 5.45 -45.49
C THR A 282 -9.57 4.27 -46.19
N GLY A 283 -10.19 3.09 -46.18
CA GLY A 283 -9.59 1.91 -46.78
C GLY A 283 -8.36 1.39 -46.05
N LYS A 284 -8.26 1.66 -44.75
CA LYS A 284 -7.11 1.27 -43.96
C LYS A 284 -7.51 0.39 -42.78
N PRO A 285 -6.68 -0.60 -42.43
CA PRO A 285 -7.03 -1.47 -41.30
C PRO A 285 -7.02 -0.74 -39.95
N LEU A 286 -6.17 0.27 -39.79
CA LEU A 286 -6.10 1.12 -38.60
C LEU A 286 -6.05 0.31 -37.31
N PHE A 287 -4.90 -0.28 -36.99
CA PHE A 287 -4.74 -0.90 -35.68
C PHE A 287 -5.10 0.10 -34.60
N THR A 288 -5.76 -0.37 -33.54
CA THR A 288 -6.26 0.54 -32.52
C THR A 288 -6.06 -0.07 -31.15
N VAL A 289 -5.44 0.69 -30.25
CA VAL A 289 -5.32 0.32 -28.84
C VAL A 289 -5.99 1.40 -27.99
N GLY A 290 -6.88 0.98 -27.09
CA GLY A 290 -7.58 1.88 -26.19
C GLY A 290 -7.00 1.83 -24.78
N GLU A 291 -7.00 2.98 -24.11
CA GLU A 291 -6.50 3.09 -22.75
C GLU A 291 -7.68 3.00 -21.77
N TYR A 292 -7.97 1.78 -21.30
CA TYR A 292 -8.97 1.56 -20.25
C TYR A 292 -8.21 1.42 -18.95
N TRP A 293 -8.17 2.49 -18.15
CA TRP A 293 -7.28 2.49 -16.98
C TRP A 293 -8.01 1.89 -15.78
N SER A 294 -7.73 0.63 -15.52
CA SER A 294 -8.26 -0.07 -14.37
C SER A 294 -7.35 -1.28 -14.13
N TYR A 295 -7.10 -1.58 -12.87
CA TYR A 295 -6.39 -2.80 -12.49
C TYR A 295 -7.33 -4.00 -12.31
N ASP A 296 -8.63 -3.80 -12.52
CA ASP A 296 -9.63 -4.86 -12.40
C ASP A 296 -9.80 -5.52 -13.77
N ILE A 297 -9.22 -6.72 -13.93
CA ILE A 297 -9.22 -7.41 -15.20
C ILE A 297 -10.63 -7.60 -15.75
N ASN A 298 -11.62 -7.76 -14.87
CA ASN A 298 -12.99 -7.99 -15.33
C ASN A 298 -13.57 -6.75 -16.01
N LYS A 299 -13.14 -5.56 -15.61
CA LYS A 299 -13.60 -4.36 -16.31
C LYS A 299 -13.06 -4.32 -17.72
N LEU A 300 -11.79 -4.71 -17.89
CA LEU A 300 -11.20 -4.78 -19.23
C LEU A 300 -11.90 -5.85 -20.06
N HIS A 301 -12.21 -6.98 -19.44
CA HIS A 301 -12.93 -8.04 -20.16
C HIS A 301 -14.31 -7.57 -20.57
N ASN A 302 -15.01 -6.91 -19.64
CA ASN A 302 -16.29 -6.30 -19.99
C ASN A 302 -16.16 -5.42 -21.22
N TYR A 303 -15.16 -4.54 -21.24
CA TYR A 303 -15.04 -3.57 -22.33
C TYR A 303 -14.76 -4.26 -23.66
N ILE A 304 -13.95 -5.31 -23.65
CA ILE A 304 -13.61 -5.98 -24.91
C ILE A 304 -14.85 -6.65 -25.49
N THR A 305 -15.63 -7.33 -24.65
CA THR A 305 -16.85 -7.97 -25.15
C THR A 305 -17.88 -6.93 -25.60
N LYS A 306 -18.00 -5.80 -24.88
CA LYS A 306 -18.97 -4.78 -25.28
C LYS A 306 -18.57 -4.09 -26.58
N THR A 307 -17.27 -3.98 -26.86
CA THR A 307 -16.83 -3.41 -28.12
C THR A 307 -16.45 -4.49 -29.13
N ASN A 308 -16.82 -5.74 -28.88
CA ASN A 308 -16.67 -6.85 -29.84
C ASN A 308 -15.21 -7.05 -30.31
N GLY A 309 -14.23 -6.79 -29.45
CA GLY A 309 -12.86 -7.05 -29.84
C GLY A 309 -12.36 -6.19 -30.98
N THR A 310 -13.03 -5.07 -31.26
CA THR A 310 -12.64 -4.14 -32.33
C THR A 310 -11.30 -3.43 -32.06
N MET A 311 -10.76 -3.51 -30.84
CA MET A 311 -9.52 -2.82 -30.53
C MET A 311 -8.76 -3.59 -29.45
N SER A 312 -7.45 -3.42 -29.45
CA SER A 312 -6.64 -3.87 -28.33
C SER A 312 -6.77 -2.93 -27.12
N LEU A 313 -6.24 -3.35 -25.97
CA LEU A 313 -6.18 -2.48 -24.80
C LEU A 313 -4.82 -2.56 -24.13
N PHE A 314 -4.45 -1.46 -23.48
CA PHE A 314 -3.25 -1.45 -22.66
C PHE A 314 -3.45 -2.39 -21.48
N ASP A 315 -2.39 -3.11 -21.12
CA ASP A 315 -2.45 -4.08 -20.05
C ASP A 315 -2.07 -3.40 -18.73
N ALA A 316 -2.97 -2.53 -18.28
CA ALA A 316 -2.78 -1.84 -17.01
C ALA A 316 -2.60 -2.80 -15.83
N PRO A 317 -3.31 -3.92 -15.72
CA PRO A 317 -3.06 -4.81 -14.57
C PRO A 317 -1.63 -5.31 -14.49
N LEU A 318 -1.05 -5.64 -15.65
CA LEU A 318 0.35 -6.07 -15.67
C LEU A 318 1.28 -4.95 -15.20
N HIS A 319 0.98 -3.70 -15.58
CA HIS A 319 1.78 -2.60 -15.03
C HIS A 319 1.72 -2.61 -13.51
N ASN A 320 0.53 -2.89 -12.95
CA ASN A 320 0.36 -2.88 -11.51
C ASN A 320 1.15 -3.99 -10.85
N LYS A 321 1.24 -5.14 -11.54
CA LYS A 321 2.11 -6.24 -11.11
C LYS A 321 3.57 -5.81 -11.00
N PHE A 322 4.12 -5.22 -12.08
CA PHE A 322 5.51 -4.77 -12.05
C PHE A 322 5.76 -3.79 -10.91
N TYR A 323 4.88 -2.79 -10.75
CA TYR A 323 5.04 -1.80 -9.69
C TYR A 323 5.03 -2.45 -8.32
N THR A 324 4.10 -3.39 -8.10
CA THR A 324 3.99 -4.06 -6.82
C THR A 324 5.22 -4.91 -6.54
N ALA A 325 5.62 -5.77 -7.49
CA ALA A 325 6.80 -6.58 -7.30
C ALA A 325 8.03 -5.71 -7.05
N SER A 326 8.13 -4.58 -7.73
CA SER A 326 9.31 -3.74 -7.56
C SER A 326 9.36 -3.05 -6.19
N LYS A 327 8.22 -2.93 -5.51
CA LYS A 327 8.18 -2.24 -4.22
C LYS A 327 8.13 -3.20 -3.03
N SER A 328 8.06 -4.52 -3.25
CA SER A 328 7.75 -5.46 -2.19
C SER A 328 8.99 -6.07 -1.55
N GLY A 329 10.18 -5.58 -1.89
CA GLY A 329 11.41 -6.00 -1.24
C GLY A 329 11.76 -7.47 -1.38
N GLY A 330 11.28 -8.13 -2.44
CA GLY A 330 11.49 -9.56 -2.64
C GLY A 330 10.34 -10.44 -2.18
N ALA A 331 9.33 -9.87 -1.50
CA ALA A 331 8.24 -10.66 -0.93
C ALA A 331 7.08 -10.91 -1.89
N PHE A 332 7.08 -10.25 -3.05
CA PHE A 332 6.11 -10.58 -4.07
C PHE A 332 6.25 -12.04 -4.51
N ASP A 333 5.13 -12.71 -4.77
CA ASP A 333 5.17 -14.09 -5.28
C ASP A 333 5.25 -14.03 -6.81
N MET A 334 6.47 -14.23 -7.35
CA MET A 334 6.67 -14.06 -8.79
C MET A 334 5.89 -15.09 -9.61
N ARG A 335 5.39 -16.17 -8.98
CA ARG A 335 4.52 -17.08 -9.72
C ARG A 335 3.19 -16.44 -10.12
N THR A 336 2.79 -15.33 -9.48
CA THR A 336 1.55 -14.65 -9.81
C THR A 336 1.74 -13.47 -10.74
N LEU A 337 2.94 -13.29 -11.30
CA LEU A 337 3.24 -12.06 -12.04
C LEU A 337 2.25 -11.82 -13.18
N MET A 338 1.77 -12.88 -13.82
CA MET A 338 0.93 -12.80 -15.01
C MET A 338 -0.55 -12.98 -14.71
N THR A 339 -0.91 -13.36 -13.50
CA THR A 339 -2.28 -13.74 -13.21
C THR A 339 -3.19 -12.51 -13.26
N ASN A 340 -4.32 -12.65 -13.93
CA ASN A 340 -5.29 -11.56 -14.10
C ASN A 340 -4.67 -10.36 -14.83
N THR A 341 -3.89 -10.64 -15.87
CA THR A 341 -3.47 -9.61 -16.80
C THR A 341 -4.06 -9.90 -18.18
N LEU A 342 -4.15 -8.85 -19.00
CA LEU A 342 -4.59 -9.03 -20.37
C LEU A 342 -3.60 -9.88 -21.18
N MET A 343 -2.31 -9.82 -20.83
CA MET A 343 -1.31 -10.62 -21.52
C MET A 343 -1.49 -12.12 -21.26
N LYS A 344 -2.06 -12.49 -20.11
CA LYS A 344 -2.37 -13.90 -19.86
C LYS A 344 -3.70 -14.29 -20.49
N ASP A 345 -4.74 -13.46 -20.32
CA ASP A 345 -6.14 -13.75 -20.61
C ASP A 345 -6.53 -13.51 -22.06
N GLN A 346 -6.04 -12.43 -22.66
CA GLN A 346 -6.43 -12.05 -24.02
C GLN A 346 -5.20 -11.56 -24.79
N PRO A 347 -4.21 -12.44 -24.99
CA PRO A 347 -2.89 -11.94 -25.44
C PRO A 347 -2.90 -11.23 -26.79
N THR A 348 -3.78 -11.58 -27.72
CA THR A 348 -3.80 -10.88 -29.00
C THR A 348 -4.48 -9.51 -28.94
N LEU A 349 -5.15 -9.16 -27.84
CA LEU A 349 -5.69 -7.81 -27.68
C LEU A 349 -4.96 -7.01 -26.59
N ALA A 350 -3.85 -7.51 -26.08
CA ALA A 350 -3.12 -6.87 -25.00
C ALA A 350 -1.94 -6.08 -25.55
N VAL A 351 -1.85 -4.80 -25.20
CA VAL A 351 -0.66 -4.02 -25.46
C VAL A 351 0.02 -3.80 -24.13
N THR A 352 1.27 -4.27 -24.02
CA THR A 352 1.97 -4.38 -22.76
C THR A 352 3.01 -3.27 -22.65
N PHE A 353 3.29 -2.86 -21.41
CA PHE A 353 4.20 -1.76 -21.14
C PHE A 353 4.67 -1.85 -19.69
N VAL A 354 5.75 -1.13 -19.37
CA VAL A 354 6.25 -1.06 -18.01
C VAL A 354 5.78 0.21 -17.32
N ASP A 355 5.97 1.37 -17.96
CA ASP A 355 5.51 2.65 -17.44
C ASP A 355 5.04 3.52 -18.60
N ASN A 356 4.28 4.56 -18.30
CA ASN A 356 3.88 5.52 -19.33
C ASN A 356 3.86 6.91 -18.71
N HIS A 357 3.40 7.89 -19.50
CA HIS A 357 3.44 9.29 -19.06
C HIS A 357 2.51 9.54 -17.86
N ASP A 358 1.43 8.76 -17.71
CA ASP A 358 0.54 8.90 -16.55
C ASP A 358 1.08 8.24 -15.28
N THR A 359 1.99 7.26 -15.39
CA THR A 359 2.54 6.61 -14.20
C THR A 359 3.82 7.27 -13.73
N GLU A 360 4.30 8.28 -14.44
CA GLU A 360 5.50 9.02 -14.08
C GLU A 360 5.35 9.68 -12.70
N PRO A 361 6.48 9.97 -12.04
CA PRO A 361 6.41 10.75 -10.80
C PRO A 361 5.68 12.07 -11.02
N GLY A 362 4.82 12.40 -10.06
CA GLY A 362 4.06 13.64 -10.07
C GLY A 362 2.73 13.55 -10.78
N GLN A 363 2.45 12.46 -11.48
CA GLN A 363 1.22 12.39 -12.25
C GLN A 363 0.12 11.76 -11.42
N ALA A 364 -1.11 11.86 -11.92
CA ALA A 364 -2.25 11.44 -11.13
C ALA A 364 -2.34 9.93 -11.02
N LEU A 365 -1.76 9.21 -11.97
CA LEU A 365 -1.73 7.77 -11.91
C LEU A 365 -0.38 7.24 -11.47
N GLN A 366 0.43 8.08 -10.81
CA GLN A 366 1.77 7.72 -10.38
C GLN A 366 1.84 6.34 -9.77
N SER A 367 2.71 5.50 -10.34
CA SER A 367 3.05 4.17 -9.85
C SER A 367 4.30 3.74 -10.63
N TRP A 368 5.39 4.45 -10.36
CA TRP A 368 6.63 4.34 -11.13
C TRP A 368 7.39 3.07 -10.76
N VAL A 369 7.66 2.23 -11.75
CA VAL A 369 8.38 0.99 -11.52
C VAL A 369 9.83 1.30 -11.18
N ASP A 370 10.29 0.76 -10.04
CA ASP A 370 11.64 1.05 -9.56
C ASP A 370 12.68 0.66 -10.60
N PRO A 371 13.75 1.45 -10.76
CA PRO A 371 14.73 1.16 -11.82
C PRO A 371 15.37 -0.22 -11.71
N TRP A 372 15.60 -0.74 -10.49
CA TRP A 372 16.20 -2.07 -10.40
C TRP A 372 15.31 -3.15 -11.03
N PHE A 373 13.98 -2.98 -10.96
CA PHE A 373 13.08 -4.00 -11.50
C PHE A 373 12.77 -3.78 -12.97
N LYS A 374 13.00 -2.56 -13.46
CA LYS A 374 12.55 -2.19 -14.80
C LYS A 374 13.15 -3.05 -15.91
N PRO A 375 14.44 -3.41 -15.89
CA PRO A 375 14.95 -4.32 -16.92
C PRO A 375 14.32 -5.70 -16.86
N LEU A 376 13.89 -6.13 -15.68
CA LEU A 376 13.21 -7.41 -15.56
C LEU A 376 11.85 -7.35 -16.22
N ALA A 377 11.13 -6.22 -16.06
CA ALA A 377 9.80 -6.06 -16.65
C ALA A 377 9.87 -5.97 -18.17
N TYR A 378 10.87 -5.25 -18.70
CA TYR A 378 11.03 -5.19 -20.15
C TYR A 378 11.39 -6.55 -20.72
N ALA A 379 12.25 -7.32 -20.05
CA ALA A 379 12.55 -8.65 -20.58
C ALA A 379 11.28 -9.49 -20.66
N PHE A 380 10.43 -9.37 -19.65
CA PHE A 380 9.19 -10.15 -19.61
C PHE A 380 8.29 -9.83 -20.80
N ILE A 381 8.08 -8.55 -21.09
CA ILE A 381 7.17 -8.22 -22.19
C ILE A 381 7.85 -8.33 -23.55
N LEU A 382 9.18 -8.22 -23.62
CA LEU A 382 9.85 -8.22 -24.91
C LEU A 382 10.20 -9.61 -25.42
N THR A 383 10.56 -10.56 -24.55
CA THR A 383 11.03 -11.87 -25.00
C THR A 383 9.96 -12.95 -24.90
N ARG A 384 8.78 -12.63 -24.37
CA ARG A 384 7.68 -13.58 -24.37
C ARG A 384 6.78 -13.41 -25.58
N GLN A 385 6.00 -14.46 -25.88
CA GLN A 385 5.23 -14.48 -27.10
C GLN A 385 3.84 -13.86 -26.97
N GLU A 386 3.34 -13.65 -25.75
CA GLU A 386 2.03 -13.01 -25.59
C GLU A 386 2.15 -11.49 -25.69
N GLY A 387 1.17 -10.88 -26.34
CA GLY A 387 1.02 -9.44 -26.31
C GLY A 387 1.88 -8.67 -27.32
N TYR A 388 1.61 -7.37 -27.40
CA TYR A 388 2.29 -6.45 -28.31
C TYR A 388 3.02 -5.44 -27.43
N PRO A 389 4.34 -5.58 -27.25
CA PRO A 389 5.04 -4.78 -26.22
C PRO A 389 5.43 -3.39 -26.70
N GLY A 390 5.62 -2.51 -25.73
CA GLY A 390 6.02 -1.13 -26.00
C GLY A 390 7.14 -0.66 -25.09
N VAL A 391 8.03 0.16 -25.65
CA VAL A 391 9.09 0.82 -24.89
C VAL A 391 8.66 2.26 -24.62
N PHE A 392 8.88 2.75 -23.40
CA PHE A 392 8.47 4.10 -23.02
C PHE A 392 9.63 5.08 -23.26
N TYR A 393 9.35 6.16 -23.99
CA TYR A 393 10.32 7.23 -24.22
C TYR A 393 11.07 7.60 -22.94
N GLY A 394 10.33 7.82 -21.84
CA GLY A 394 10.98 8.23 -20.61
C GLY A 394 12.00 7.21 -20.12
N ASP A 395 11.71 5.93 -20.28
CA ASP A 395 12.67 4.88 -19.91
C ASP A 395 13.87 4.86 -20.86
N TYR A 396 13.63 5.07 -22.15
CA TYR A 396 14.69 4.94 -23.15
C TYR A 396 15.66 6.11 -23.09
N TYR A 397 15.14 7.33 -23.09
CA TYR A 397 15.97 8.54 -23.16
C TYR A 397 16.26 9.17 -21.81
N GLY A 398 15.48 8.84 -20.77
CA GLY A 398 15.59 9.44 -19.46
C GLY A 398 14.53 10.51 -19.21
N ILE A 399 14.36 10.87 -17.93
CA ILE A 399 13.45 11.95 -17.56
C ILE A 399 14.26 12.96 -16.76
N PRO A 400 14.91 13.93 -17.43
CA PRO A 400 15.78 14.89 -16.71
C PRO A 400 15.06 15.67 -15.62
N GLN A 401 13.77 15.99 -15.81
CA GLN A 401 13.02 16.76 -14.84
C GLN A 401 13.10 16.19 -13.45
N TYR A 402 13.16 14.86 -13.34
CA TYR A 402 13.31 14.20 -12.05
C TYR A 402 14.67 13.51 -11.91
N ASN A 403 15.62 13.82 -12.80
CA ASN A 403 16.97 13.25 -12.74
C ASN A 403 16.95 11.72 -12.81
N ILE A 404 16.08 11.17 -13.65
CA ILE A 404 15.97 9.74 -13.86
C ILE A 404 16.84 9.39 -15.07
N PRO A 405 17.95 8.69 -14.90
CA PRO A 405 18.85 8.50 -16.04
C PRO A 405 18.26 7.51 -17.05
N SER A 406 18.73 7.66 -18.28
CA SER A 406 18.26 6.82 -19.37
C SER A 406 18.60 5.35 -19.11
N LEU A 407 17.71 4.46 -19.53
CA LEU A 407 17.97 3.02 -19.48
C LEU A 407 18.19 2.42 -20.85
N LYS A 408 18.56 3.24 -21.84
CA LYS A 408 18.79 2.73 -23.19
C LYS A 408 19.82 1.61 -23.19
N SER A 409 20.89 1.74 -22.39
CA SER A 409 21.96 0.74 -22.44
C SER A 409 21.51 -0.61 -21.91
N LYS A 410 20.45 -0.66 -21.11
CA LYS A 410 19.87 -1.91 -20.64
C LYS A 410 18.69 -2.39 -21.48
N ILE A 411 18.01 -1.48 -22.18
CA ILE A 411 16.86 -1.86 -22.99
C ILE A 411 17.30 -2.40 -24.35
N ASP A 412 18.27 -1.76 -25.00
CA ASP A 412 18.73 -2.21 -26.31
C ASP A 412 19.07 -3.69 -26.40
N PRO A 413 19.79 -4.31 -25.43
CA PRO A 413 20.01 -5.76 -25.51
C PRO A 413 18.72 -6.55 -25.58
N LEU A 414 17.68 -6.08 -24.86
CA LEU A 414 16.41 -6.79 -24.85
C LEU A 414 15.66 -6.62 -26.18
N LEU A 415 15.78 -5.44 -26.81
CA LEU A 415 15.19 -5.31 -28.15
C LEU A 415 15.89 -6.25 -29.13
N ILE A 416 17.21 -6.38 -29.04
CA ILE A 416 17.91 -7.29 -29.93
C ILE A 416 17.48 -8.73 -29.65
N ALA A 417 17.23 -9.05 -28.38
CA ALA A 417 16.63 -10.34 -28.04
C ALA A 417 15.30 -10.52 -28.76
N ARG A 418 14.46 -9.49 -28.72
CA ARG A 418 13.16 -9.60 -29.39
C ARG A 418 13.33 -9.63 -30.91
N ARG A 419 14.23 -8.79 -31.44
CA ARG A 419 14.40 -8.71 -32.89
C ARG A 419 14.94 -10.02 -33.48
N ASP A 420 15.89 -10.68 -32.80
CA ASP A 420 16.58 -11.81 -33.40
C ASP A 420 16.30 -13.16 -32.76
N TYR A 421 15.95 -13.23 -31.47
CA TYR A 421 15.94 -14.52 -30.81
C TYR A 421 14.58 -14.98 -30.29
N ALA A 422 13.66 -14.05 -30.01
CA ALA A 422 12.39 -14.35 -29.33
C ALA A 422 11.37 -14.90 -30.32
N TYR A 423 11.62 -16.14 -30.73
CA TYR A 423 10.82 -16.80 -31.75
C TYR A 423 10.53 -18.23 -31.34
N GLY A 424 9.39 -18.74 -31.80
CA GLY A 424 9.06 -20.14 -31.67
C GLY A 424 8.41 -20.53 -30.34
N THR A 425 8.27 -21.86 -30.21
CA THR A 425 7.58 -22.47 -29.09
C THR A 425 8.12 -21.94 -27.77
N GLN A 426 7.21 -21.58 -26.88
CA GLN A 426 7.55 -21.09 -25.57
C GLN A 426 7.23 -22.09 -24.50
N HIS A 427 8.14 -22.25 -23.57
CA HIS A 427 7.96 -23.11 -22.40
C HIS A 427 8.05 -22.25 -21.15
N ASP A 428 7.10 -22.42 -20.25
CA ASP A 428 6.96 -21.54 -19.10
C ASP A 428 7.48 -22.25 -17.84
N TYR A 429 8.26 -21.52 -17.05
CA TYR A 429 8.64 -21.96 -15.71
C TYR A 429 8.45 -20.79 -14.75
N LEU A 430 7.18 -20.51 -14.45
CA LEU A 430 6.86 -19.52 -13.41
C LEU A 430 6.56 -20.27 -12.11
N ASP A 431 7.60 -20.89 -11.57
CA ASP A 431 7.41 -21.97 -10.61
C ASP A 431 8.08 -21.70 -9.27
N HIS A 432 8.58 -20.49 -9.06
CA HIS A 432 9.26 -20.16 -7.83
C HIS A 432 8.90 -18.73 -7.43
N SER A 433 8.83 -18.50 -6.12
CA SER A 433 8.31 -17.21 -5.64
C SER A 433 9.26 -16.05 -5.93
N ASP A 434 10.53 -16.33 -6.22
CA ASP A 434 11.48 -15.30 -6.62
C ASP A 434 11.93 -15.44 -8.07
N ILE A 435 12.38 -16.63 -8.45
CA ILE A 435 13.05 -16.86 -9.72
C ILE A 435 12.06 -17.52 -10.67
N ILE A 436 11.70 -16.82 -11.74
CA ILE A 436 10.82 -17.35 -12.78
C ILE A 436 11.51 -17.24 -14.13
N GLY A 437 11.15 -18.14 -15.05
CA GLY A 437 11.72 -18.08 -16.37
C GLY A 437 10.82 -18.70 -17.42
N TRP A 438 11.28 -18.61 -18.67
CA TRP A 438 10.60 -19.11 -19.83
C TRP A 438 11.66 -19.26 -20.91
N THR A 439 11.38 -20.12 -21.90
CA THR A 439 12.28 -20.31 -23.02
C THR A 439 11.53 -20.08 -24.33
N ARG A 440 12.28 -19.76 -25.38
CA ARG A 440 11.79 -19.77 -26.76
C ARG A 440 12.71 -20.60 -27.61
N GLU A 441 12.12 -21.53 -28.35
CA GLU A 441 12.92 -22.56 -29.01
C GLU A 441 13.64 -22.05 -30.26
N GLY A 442 13.22 -20.92 -30.81
CA GLY A 442 13.70 -20.48 -32.11
C GLY A 442 12.85 -21.07 -33.23
N VAL A 443 13.11 -20.57 -34.44
CA VAL A 443 12.43 -21.04 -35.65
C VAL A 443 13.47 -21.28 -36.74
N THR A 444 13.27 -22.35 -37.51
CA THR A 444 14.14 -22.62 -38.67
C THR A 444 14.23 -21.41 -39.60
N GLU A 445 13.11 -20.70 -39.81
CA GLU A 445 13.15 -19.54 -40.71
C GLU A 445 14.06 -18.43 -40.20
N LYS A 446 14.44 -18.43 -38.92
CA LYS A 446 15.42 -17.49 -38.37
C LYS A 446 16.54 -18.29 -37.71
N PRO A 447 17.54 -18.71 -38.49
CA PRO A 447 18.67 -19.44 -37.89
C PRO A 447 19.34 -18.64 -36.79
N GLY A 448 19.74 -19.34 -35.73
CA GLY A 448 20.34 -18.70 -34.57
C GLY A 448 19.35 -18.16 -33.56
N SER A 449 18.05 -18.23 -33.82
CA SER A 449 17.08 -17.78 -32.85
C SER A 449 17.00 -18.77 -31.69
N GLY A 450 16.24 -18.40 -30.66
CA GLY A 450 16.16 -19.19 -29.44
C GLY A 450 16.71 -18.45 -28.24
N LEU A 451 16.06 -18.57 -27.08
CA LEU A 451 16.56 -17.89 -25.90
C LEU A 451 15.97 -18.53 -24.65
N ALA A 452 16.65 -18.29 -23.53
CA ALA A 452 16.18 -18.71 -22.21
C ALA A 452 16.37 -17.54 -21.28
N ALA A 453 15.27 -17.05 -20.71
CA ALA A 453 15.26 -15.84 -19.90
C ALA A 453 14.99 -16.19 -18.44
N LEU A 454 15.78 -15.60 -17.53
CA LEU A 454 15.51 -15.66 -16.10
C LEU A 454 15.44 -14.26 -15.50
N ILE A 455 14.49 -14.05 -14.60
CA ILE A 455 14.42 -12.86 -13.77
C ILE A 455 14.17 -13.30 -12.32
N THR A 456 14.59 -12.46 -11.37
CA THR A 456 14.31 -12.70 -9.97
C THR A 456 14.14 -11.39 -9.22
N ASP A 457 13.11 -11.31 -8.37
CA ASP A 457 12.92 -10.20 -7.46
C ASP A 457 13.63 -10.43 -6.12
N GLY A 458 14.39 -11.51 -6.01
CA GLY A 458 15.11 -11.81 -4.79
C GLY A 458 16.54 -12.23 -5.07
N PRO A 459 17.08 -13.08 -4.21
CA PRO A 459 18.44 -13.57 -4.45
C PRO A 459 18.49 -14.39 -5.72
N GLY A 460 19.70 -14.46 -6.29
CA GLY A 460 19.92 -15.17 -7.52
C GLY A 460 19.85 -16.68 -7.34
N GLY A 461 20.23 -17.39 -8.39
CA GLY A 461 20.08 -18.83 -8.39
C GLY A 461 20.17 -19.37 -9.81
N SER A 462 19.68 -20.60 -9.97
CA SER A 462 19.72 -21.30 -11.23
C SER A 462 18.38 -21.99 -11.45
N LYS A 463 18.08 -22.28 -12.73
CA LYS A 463 16.88 -23.06 -13.04
C LYS A 463 17.12 -23.86 -14.31
N TRP A 464 16.76 -25.15 -14.26
CA TRP A 464 16.80 -25.99 -15.44
C TRP A 464 15.59 -25.68 -16.34
N MET A 465 15.85 -25.48 -17.63
CA MET A 465 14.79 -25.18 -18.58
C MET A 465 15.09 -25.82 -19.93
N TYR A 466 14.05 -26.17 -20.65
CA TYR A 466 14.16 -26.87 -21.93
C TYR A 466 14.20 -25.87 -23.08
N VAL A 467 15.28 -25.86 -23.86
CA VAL A 467 15.32 -25.04 -25.07
C VAL A 467 15.15 -25.86 -26.35
N GLY A 468 15.23 -27.18 -26.27
CA GLY A 468 15.07 -27.97 -27.49
C GLY A 468 16.36 -28.73 -27.81
N LYS A 469 16.20 -30.01 -28.15
CA LYS A 469 17.39 -30.82 -28.39
C LYS A 469 18.14 -30.36 -29.63
N GLN A 470 17.51 -29.54 -30.49
CA GLN A 470 18.24 -28.98 -31.62
C GLN A 470 19.39 -28.08 -31.18
N HIS A 471 19.45 -27.71 -29.90
CA HIS A 471 20.52 -26.87 -29.37
C HIS A 471 21.56 -27.66 -28.57
N ALA A 472 21.47 -28.99 -28.54
CA ALA A 472 22.40 -29.83 -27.78
C ALA A 472 23.84 -29.47 -28.12
N GLY A 473 24.66 -29.31 -27.08
CA GLY A 473 26.05 -28.97 -27.27
C GLY A 473 26.33 -27.52 -27.48
N LYS A 474 25.35 -26.72 -27.91
CA LYS A 474 25.56 -25.29 -28.11
C LYS A 474 25.89 -24.61 -26.80
N VAL A 475 26.64 -23.52 -26.89
CA VAL A 475 26.94 -22.67 -25.76
C VAL A 475 26.08 -21.42 -25.84
N PHE A 476 25.43 -21.09 -24.73
CA PHE A 476 24.62 -19.87 -24.61
C PHE A 476 25.38 -18.87 -23.76
N TYR A 477 25.27 -17.60 -24.11
CA TYR A 477 25.80 -16.52 -23.28
C TYR A 477 24.69 -15.56 -22.92
N ASP A 478 24.96 -14.72 -21.93
CA ASP A 478 23.98 -13.79 -21.39
C ASP A 478 23.99 -12.53 -22.22
N LEU A 479 22.96 -12.35 -23.06
CA LEU A 479 22.87 -11.21 -23.96
C LEU A 479 22.86 -9.89 -23.22
N THR A 480 22.40 -9.87 -21.97
CA THR A 480 22.39 -8.60 -21.23
C THR A 480 23.75 -8.24 -20.69
N GLY A 481 24.73 -9.13 -20.78
CA GLY A 481 26.03 -8.89 -20.16
C GLY A 481 26.04 -8.84 -18.65
N ASN A 482 24.95 -9.21 -17.99
CA ASN A 482 24.95 -9.16 -16.53
C ASN A 482 25.79 -10.28 -15.92
N ARG A 483 25.92 -11.35 -16.68
CA ARG A 483 26.68 -12.48 -16.30
C ARG A 483 27.74 -12.80 -17.32
N SER A 484 28.90 -13.18 -16.86
CA SER A 484 30.02 -13.52 -17.71
C SER A 484 30.24 -14.99 -17.96
N ASP A 485 29.50 -15.84 -17.28
CA ASP A 485 29.65 -17.26 -17.43
C ASP A 485 28.82 -17.77 -18.57
N THR A 486 28.91 -19.04 -18.90
CA THR A 486 28.15 -19.58 -19.99
C THR A 486 27.42 -20.81 -19.60
N VAL A 487 26.48 -21.23 -20.41
CA VAL A 487 25.67 -22.39 -20.16
C VAL A 487 25.69 -23.30 -21.34
N THR A 488 25.98 -24.56 -21.10
CA THR A 488 26.02 -25.49 -22.19
C THR A 488 24.76 -26.30 -22.17
N ILE A 489 24.24 -26.61 -23.31
CA ILE A 489 23.02 -27.35 -23.39
C ILE A 489 23.34 -28.81 -23.36
N THR A 490 22.54 -29.58 -22.68
CA THR A 490 22.76 -30.99 -22.60
C THR A 490 22.27 -31.72 -23.84
N SER A 491 22.50 -33.01 -23.88
CA SER A 491 22.09 -33.83 -24.98
C SER A 491 20.61 -33.97 -25.08
N ASP A 492 19.92 -33.66 -24.01
CA ASP A 492 18.47 -33.73 -24.02
C ASP A 492 17.78 -32.40 -24.25
N GLY A 493 18.54 -31.35 -24.53
CA GLY A 493 17.95 -30.06 -24.84
C GLY A 493 17.68 -29.14 -23.66
N TRP A 494 18.20 -29.45 -22.49
CA TRP A 494 18.01 -28.64 -21.30
C TRP A 494 19.30 -27.89 -20.97
N GLY A 495 19.13 -26.76 -20.31
CA GLY A 495 20.28 -26.05 -19.80
C GLY A 495 19.98 -25.60 -18.40
N GLU A 496 20.98 -25.60 -17.53
CA GLU A 496 20.80 -25.02 -16.21
C GLU A 496 21.19 -23.55 -16.29
N PHE A 497 20.20 -22.69 -16.42
CA PHE A 497 20.45 -21.27 -16.62
C PHE A 497 20.50 -20.56 -15.27
N LYS A 498 21.14 -19.41 -15.25
CA LYS A 498 21.50 -18.74 -14.00
C LYS A 498 21.20 -17.26 -14.10
N VAL A 499 21.00 -16.64 -12.94
CA VAL A 499 20.69 -15.22 -12.86
C VAL A 499 21.26 -14.69 -11.56
N ASN A 500 21.71 -13.43 -11.58
CA ASN A 500 22.14 -12.75 -10.37
C ASN A 500 20.93 -12.31 -9.55
N GLY A 501 21.18 -11.93 -8.29
CA GLY A 501 20.11 -11.42 -7.47
C GLY A 501 19.53 -10.11 -8.00
N GLY A 502 18.21 -9.98 -7.89
CA GLY A 502 17.51 -8.79 -8.40
C GLY A 502 17.84 -8.40 -9.84
N SER A 503 18.03 -9.39 -10.72
CA SER A 503 18.59 -9.07 -12.03
C SER A 503 17.86 -9.87 -13.12
N VAL A 504 18.31 -9.66 -14.36
CA VAL A 504 17.84 -10.35 -15.55
C VAL A 504 19.04 -11.02 -16.18
N SER A 505 18.85 -12.22 -16.70
CA SER A 505 19.76 -12.77 -17.70
C SER A 505 18.94 -13.34 -18.85
N VAL A 506 19.41 -13.10 -20.07
CA VAL A 506 18.78 -13.58 -21.29
C VAL A 506 19.84 -14.38 -22.04
N TRP A 507 19.69 -15.70 -22.04
CA TRP A 507 20.69 -16.61 -22.58
C TRP A 507 20.33 -16.95 -24.01
N VAL A 508 21.26 -16.73 -24.92
CA VAL A 508 21.02 -17.00 -26.34
C VAL A 508 22.23 -17.73 -26.89
N PRO A 509 22.09 -18.43 -28.03
CA PRO A 509 23.22 -19.19 -28.56
C PRO A 509 24.34 -18.26 -29.02
N ARG A 510 25.57 -18.65 -28.73
CA ARG A 510 26.74 -18.06 -29.36
C ARG A 510 26.83 -18.51 -30.81
N LYS A 511 27.46 -17.68 -31.64
CA LYS A 511 27.83 -18.14 -32.98
C LYS A 511 29.29 -17.79 -33.30
N PRO B 30 -15.76 7.27 40.62
CA PRO B 30 -15.50 6.76 39.26
C PRO B 30 -14.20 7.30 38.69
N PHE B 31 -13.55 6.48 37.87
CA PHE B 31 -12.32 6.92 37.22
C PHE B 31 -12.16 6.15 35.92
N ASN B 32 -11.40 6.74 35.01
CA ASN B 32 -11.12 6.13 33.72
C ASN B 32 -9.63 5.77 33.70
N GLY B 33 -9.35 4.49 33.69
CA GLY B 33 -7.98 4.06 33.48
C GLY B 33 -7.52 4.43 32.08
N THR B 34 -6.27 4.86 31.98
CA THR B 34 -5.62 5.16 30.70
C THR B 34 -4.17 4.75 30.80
N MET B 35 -3.75 3.83 29.93
CA MET B 35 -2.35 3.40 29.95
C MET B 35 -1.57 4.11 28.86
N MET B 36 -0.26 4.09 29.00
CA MET B 36 0.60 4.62 27.97
C MET B 36 1.73 3.63 27.74
N GLN B 37 1.98 3.25 26.50
CA GLN B 37 3.10 2.40 26.18
C GLN B 37 4.24 3.41 26.13
N TYR B 38 5.25 3.25 26.95
CA TYR B 38 6.23 4.32 27.11
C TYR B 38 7.58 3.97 26.45
N PHE B 39 7.52 3.62 25.17
CA PHE B 39 8.70 3.45 24.33
C PHE B 39 8.24 3.29 22.90
N GLU B 40 9.18 3.47 21.96
CA GLU B 40 8.97 3.10 20.56
C GLU B 40 10.25 2.43 20.07
N TRP B 41 10.18 1.84 18.87
CA TRP B 41 11.24 0.95 18.41
C TRP B 41 12.54 1.69 18.16
N TYR B 42 12.47 2.87 17.51
CA TYR B 42 13.64 3.57 17.01
C TYR B 42 14.26 4.54 18.02
N LEU B 43 13.93 4.42 19.31
CA LEU B 43 14.60 5.26 20.30
C LEU B 43 16.11 5.06 20.22
N PRO B 44 16.90 6.11 20.41
CA PRO B 44 18.36 5.94 20.43
C PRO B 44 18.83 5.12 21.62
N ASP B 45 19.99 4.49 21.45
CA ASP B 45 20.61 3.68 22.51
C ASP B 45 21.49 4.60 23.39
N ASP B 46 20.82 5.43 24.18
CA ASP B 46 21.53 6.39 25.01
C ASP B 46 21.31 6.18 26.50
N GLY B 47 20.56 5.16 26.90
CA GLY B 47 20.32 4.86 28.30
C GLY B 47 19.60 5.92 29.10
N THR B 48 18.58 6.56 28.52
CA THR B 48 17.92 7.68 29.16
C THR B 48 16.44 7.47 29.45
N LEU B 49 15.82 6.39 28.97
CA LEU B 49 14.38 6.26 29.09
C LEU B 49 13.92 6.21 30.55
N TRP B 50 14.64 5.47 31.39
CA TRP B 50 14.22 5.40 32.78
C TRP B 50 14.27 6.77 33.43
N THR B 51 15.31 7.55 33.09
CA THR B 51 15.40 8.91 33.58
C THR B 51 14.24 9.74 33.04
N LYS B 52 13.86 9.52 31.79
CA LYS B 52 12.74 10.29 31.26
C LYS B 52 11.44 9.93 31.97
N VAL B 53 11.22 8.64 32.22
CA VAL B 53 10.03 8.24 32.98
C VAL B 53 9.97 8.99 34.31
N ALA B 54 11.11 9.02 35.03
CA ALA B 54 11.14 9.68 36.33
C ALA B 54 10.79 11.16 36.21
N ASN B 55 11.27 11.82 35.16
CA ASN B 55 11.02 13.25 34.99
C ASN B 55 9.60 13.56 34.49
N GLU B 56 9.01 12.67 33.70
CA GLU B 56 7.73 12.96 33.07
C GLU B 56 6.53 12.41 33.84
N ALA B 57 6.75 11.61 34.89
CA ALA B 57 5.63 10.90 35.51
C ALA B 57 4.55 11.85 36.01
N ASN B 58 4.95 12.94 36.64
CA ASN B 58 4.03 13.96 37.15
C ASN B 58 3.19 14.58 36.04
N ASN B 59 3.84 15.08 35.00
CA ASN B 59 3.12 15.61 33.83
C ASN B 59 2.11 14.61 33.29
N LEU B 60 2.56 13.38 33.03
CA LEU B 60 1.66 12.41 32.42
C LEU B 60 0.47 12.11 33.33
N SER B 61 0.70 12.01 34.64
CA SER B 61 -0.37 11.73 35.58
C SER B 61 -1.40 12.85 35.58
N SER B 62 -0.94 14.10 35.56
CA SER B 62 -1.87 15.22 35.55
C SER B 62 -2.79 15.19 34.34
N LEU B 63 -2.37 14.55 33.24
CA LEU B 63 -3.21 14.38 32.06
C LEU B 63 -4.18 13.21 32.17
N GLY B 64 -4.12 12.43 33.25
CA GLY B 64 -5.02 11.32 33.42
C GLY B 64 -4.46 9.96 33.05
N ILE B 65 -3.18 9.89 32.69
CA ILE B 65 -2.51 8.60 32.57
C ILE B 65 -2.45 7.93 33.94
N THR B 66 -2.96 6.70 34.02
CA THR B 66 -2.94 5.95 35.26
C THR B 66 -2.00 4.76 35.24
N ALA B 67 -1.36 4.45 34.10
CA ALA B 67 -0.45 3.31 34.06
C ALA B 67 0.54 3.44 32.92
N LEU B 68 1.78 2.98 33.14
CA LEU B 68 2.81 2.91 32.11
C LEU B 68 3.17 1.46 31.79
N TRP B 69 3.12 1.12 30.52
CA TRP B 69 3.71 -0.11 30.03
C TRP B 69 5.13 0.24 29.61
N LEU B 70 6.14 -0.26 30.37
CA LEU B 70 7.56 -0.04 30.15
C LEU B 70 8.15 -1.18 29.33
N PRO B 71 9.17 -0.92 28.49
CA PRO B 71 9.78 -1.99 27.67
C PRO B 71 10.48 -3.02 28.55
N PRO B 72 10.89 -4.15 27.98
CA PRO B 72 11.62 -5.14 28.78
C PRO B 72 12.87 -4.52 29.38
N ALA B 73 13.06 -4.72 30.69
CA ALA B 73 14.09 -4.00 31.42
C ALA B 73 15.33 -4.85 31.71
N TYR B 74 15.38 -6.10 31.24
CA TYR B 74 16.50 -6.99 31.51
C TYR B 74 17.42 -7.06 30.28
N LYS B 75 18.61 -7.62 30.50
CA LYS B 75 19.70 -7.51 29.52
C LYS B 75 19.35 -8.30 28.26
N GLY B 76 19.46 -7.65 27.12
CA GLY B 76 19.20 -8.29 25.84
C GLY B 76 20.46 -8.84 25.19
N THR B 77 20.33 -9.13 23.91
CA THR B 77 21.42 -9.67 23.10
C THR B 77 22.61 -8.72 23.03
N SER B 78 22.37 -7.43 23.24
CA SER B 78 23.38 -6.38 23.29
C SER B 78 22.70 -5.17 23.90
N ARG B 79 23.49 -4.14 24.12
CA ARG B 79 22.93 -3.01 24.83
C ARG B 79 21.94 -2.20 23.99
N SER B 80 21.99 -2.28 22.65
CA SER B 80 20.96 -1.61 21.86
C SER B 80 19.73 -2.47 21.61
N ASP B 81 19.69 -3.71 22.13
CA ASP B 81 18.51 -4.56 22.01
C ASP B 81 17.30 -3.87 22.61
N VAL B 82 16.18 -3.89 21.87
CA VAL B 82 14.97 -3.24 22.33
C VAL B 82 14.43 -3.93 23.56
N GLY B 83 14.78 -5.20 23.77
CA GLY B 83 14.40 -5.92 24.97
C GLY B 83 13.81 -7.28 24.67
N TYR B 84 13.38 -7.50 23.43
CA TYR B 84 12.74 -8.77 23.03
C TYR B 84 13.75 -9.86 22.73
N GLY B 85 15.03 -9.52 22.55
CA GLY B 85 16.05 -10.55 22.53
C GLY B 85 16.64 -10.85 23.90
N VAL B 86 15.86 -11.49 24.77
CA VAL B 86 16.22 -11.68 26.18
C VAL B 86 17.50 -12.49 26.29
N TYR B 87 18.52 -11.94 26.95
CA TYR B 87 19.66 -12.73 27.36
C TYR B 87 19.53 -13.21 28.80
N ASP B 88 19.27 -12.32 29.76
CA ASP B 88 19.23 -12.68 31.18
C ASP B 88 18.08 -11.93 31.85
N LEU B 89 16.99 -12.65 32.13
CA LEU B 89 15.84 -12.13 32.88
C LEU B 89 16.24 -11.47 34.20
N TYR B 90 17.36 -11.89 34.82
CA TYR B 90 17.74 -11.43 36.16
C TYR B 90 18.71 -10.25 36.13
N ASP B 91 19.00 -9.69 34.96
CA ASP B 91 19.99 -8.62 34.82
C ASP B 91 19.25 -7.37 34.33
N LEU B 92 18.79 -6.54 35.27
CA LEU B 92 18.04 -5.34 34.98
C LEU B 92 18.95 -4.15 34.68
N GLY B 93 20.10 -4.38 34.05
CA GLY B 93 21.07 -3.32 33.83
C GLY B 93 22.00 -3.19 35.02
N GLU B 94 22.38 -4.34 35.58
CA GLU B 94 23.16 -4.44 36.82
C GLU B 94 24.51 -5.11 36.63
N PHE B 95 24.62 -6.11 35.77
CA PHE B 95 25.85 -6.90 35.65
C PHE B 95 26.52 -6.65 34.31
N ASN B 96 27.83 -6.83 34.30
CA ASN B 96 28.63 -6.73 33.07
C ASN B 96 28.38 -7.95 32.18
N GLN B 97 27.51 -7.81 31.20
CA GLN B 97 27.12 -8.95 30.38
C GLN B 97 26.73 -8.41 29.01
N LYS B 98 27.11 -9.14 27.97
CA LYS B 98 26.82 -8.75 26.59
C LYS B 98 27.42 -7.40 26.24
N GLY B 99 28.59 -7.09 26.82
CA GLY B 99 29.30 -5.86 26.48
C GLY B 99 28.81 -4.60 27.16
N THR B 100 28.00 -4.71 28.21
CA THR B 100 27.40 -3.53 28.80
C THR B 100 26.92 -3.87 30.21
N VAL B 101 26.94 -2.86 31.09
CA VAL B 101 26.30 -3.00 32.38
C VAL B 101 24.83 -2.65 32.24
N ARG B 102 24.56 -1.42 31.79
CA ARG B 102 23.21 -0.92 31.56
C ARG B 102 22.56 -1.58 30.35
N THR B 103 21.23 -1.57 30.36
CA THR B 103 20.44 -1.90 29.18
C THR B 103 20.36 -0.67 28.26
N LYS B 104 19.58 -0.81 27.19
CA LYS B 104 19.27 0.31 26.31
C LYS B 104 18.67 1.48 27.07
N TYR B 105 17.83 1.17 28.06
CA TYR B 105 17.02 2.14 28.80
C TYR B 105 17.70 2.68 30.05
N GLY B 106 18.71 2.00 30.59
CA GLY B 106 19.40 2.52 31.75
C GLY B 106 19.81 1.44 32.71
N THR B 107 20.30 1.86 33.87
CA THR B 107 20.76 0.93 34.90
C THR B 107 19.58 0.42 35.73
N LYS B 108 19.86 -0.56 36.59
CA LYS B 108 18.83 -1.07 37.47
C LYS B 108 18.36 0.00 38.46
N ALA B 109 19.30 0.79 39.00
CA ALA B 109 18.91 1.81 39.97
C ALA B 109 17.97 2.82 39.33
N GLN B 110 18.29 3.26 38.12
CA GLN B 110 17.39 4.15 37.39
C GLN B 110 16.03 3.48 37.15
N TYR B 111 16.03 2.18 36.84
CA TYR B 111 14.75 1.48 36.63
C TYR B 111 13.90 1.52 37.89
N LEU B 112 14.53 1.30 39.05
CA LEU B 112 13.83 1.35 40.33
C LEU B 112 13.30 2.76 40.64
N GLN B 113 14.13 3.78 40.43
CA GLN B 113 13.69 5.17 40.60
C GLN B 113 12.50 5.50 39.69
N ALA B 114 12.54 5.02 38.45
CA ALA B 114 11.43 5.27 37.54
C ALA B 114 10.14 4.70 38.10
N ILE B 115 10.21 3.49 38.65
CA ILE B 115 9.00 2.87 39.18
C ILE B 115 8.48 3.63 40.38
N GLN B 116 9.38 4.09 41.25
CA GLN B 116 8.91 4.82 42.41
C GLN B 116 8.38 6.20 42.02
N ALA B 117 9.00 6.87 41.03
CA ALA B 117 8.45 8.13 40.55
C ALA B 117 7.05 7.96 39.98
N ALA B 118 6.83 6.91 39.18
CA ALA B 118 5.48 6.66 38.69
C ALA B 118 4.50 6.42 39.84
N HIS B 119 4.95 5.73 40.90
CA HIS B 119 4.08 5.50 42.05
C HIS B 119 3.83 6.80 42.79
N ALA B 120 4.87 7.62 42.96
CA ALA B 120 4.71 8.91 43.61
C ALA B 120 3.65 9.75 42.91
N ALA B 121 3.54 9.62 41.58
CA ALA B 121 2.57 10.32 40.77
C ALA B 121 1.23 9.59 40.68
N GLY B 122 1.06 8.47 41.39
CA GLY B 122 -0.21 7.77 41.40
C GLY B 122 -0.49 6.89 40.20
N MET B 123 0.54 6.45 39.50
CA MET B 123 0.39 5.61 38.31
C MET B 123 0.89 4.20 38.61
N GLN B 124 0.22 3.22 38.04
CA GLN B 124 0.69 1.86 38.07
C GLN B 124 1.78 1.66 37.01
N VAL B 125 2.54 0.57 37.15
CA VAL B 125 3.61 0.24 36.21
C VAL B 125 3.42 -1.20 35.76
N TYR B 126 3.31 -1.43 34.45
CA TYR B 126 3.28 -2.77 33.89
C TYR B 126 4.61 -3.05 33.19
N ALA B 127 5.26 -4.14 33.57
CA ALA B 127 6.55 -4.51 32.99
C ALA B 127 6.35 -5.52 31.87
N ASP B 128 7.09 -5.35 30.78
CA ASP B 128 7.05 -6.28 29.66
C ASP B 128 7.71 -7.61 30.04
N VAL B 129 7.02 -8.71 29.78
CA VAL B 129 7.51 -10.05 30.11
C VAL B 129 7.68 -10.85 28.81
N VAL B 130 8.92 -11.30 28.56
CA VAL B 130 9.27 -11.96 27.30
C VAL B 130 9.75 -13.37 27.63
N PHE B 131 8.86 -14.35 27.47
CA PHE B 131 9.16 -15.74 27.83
C PHE B 131 9.30 -16.66 26.62
N ASP B 132 8.93 -16.21 25.41
CA ASP B 132 8.85 -17.15 24.29
C ASP B 132 10.22 -17.77 23.95
N HIS B 133 11.29 -16.99 24.09
CA HIS B 133 12.57 -17.38 23.51
C HIS B 133 13.70 -16.75 24.31
N LYS B 134 14.93 -17.17 23.99
CA LYS B 134 16.11 -16.64 24.63
C LYS B 134 17.23 -16.56 23.58
N GLY B 135 17.87 -15.39 23.50
CA GLY B 135 18.92 -15.16 22.54
C GLY B 135 20.20 -14.69 23.20
N GLY B 136 21.28 -14.68 22.42
CA GLY B 136 22.56 -14.24 22.92
C GLY B 136 23.25 -15.22 23.86
N ALA B 137 23.07 -16.52 23.64
CA ALA B 137 23.69 -17.55 24.46
C ALA B 137 25.20 -17.38 24.52
N ASP B 138 25.79 -17.79 25.66
CA ASP B 138 27.23 -17.70 25.89
C ASP B 138 28.02 -18.69 25.02
N GLY B 139 27.42 -19.81 24.68
CA GLY B 139 28.13 -20.81 23.89
C GLY B 139 27.14 -21.73 23.21
N THR B 140 27.66 -22.56 22.32
CA THR B 140 26.87 -23.52 21.59
C THR B 140 26.95 -24.90 22.23
N GLU B 141 26.02 -25.76 21.83
CA GLU B 141 26.02 -27.17 22.12
C GLU B 141 25.69 -27.93 20.85
N TRP B 142 26.23 -29.14 20.71
CA TRP B 142 25.84 -30.05 19.65
C TRP B 142 24.56 -30.78 20.05
N VAL B 143 23.55 -30.73 19.19
CA VAL B 143 22.21 -31.24 19.50
C VAL B 143 21.65 -32.02 18.32
N ASP B 144 21.03 -33.16 18.59
CA ASP B 144 20.24 -33.85 17.57
C ASP B 144 19.00 -33.03 17.24
N ALA B 145 18.83 -32.67 15.97
CA ALA B 145 17.68 -31.89 15.55
C ALA B 145 17.19 -32.44 14.23
N VAL B 146 15.98 -32.02 13.84
CA VAL B 146 15.43 -32.30 12.52
C VAL B 146 14.83 -31.00 11.99
N GLU B 147 14.96 -30.78 10.68
CA GLU B 147 14.33 -29.63 10.04
C GLU B 147 12.83 -29.88 9.89
N VAL B 148 12.03 -28.82 10.05
CA VAL B 148 10.60 -28.92 9.78
C VAL B 148 10.22 -27.86 8.77
N ASN B 149 9.06 -28.08 8.17
CA ASN B 149 8.59 -27.20 7.13
C ASN B 149 8.22 -25.86 7.75
N PRO B 150 8.81 -24.75 7.30
CA PRO B 150 8.48 -23.42 7.88
C PRO B 150 7.03 -23.04 7.79
N SER B 151 6.32 -23.56 6.78
CA SER B 151 4.89 -23.33 6.65
C SER B 151 4.05 -24.38 7.34
N ASP B 152 4.65 -25.48 7.81
CA ASP B 152 3.93 -26.50 8.59
C ASP B 152 4.94 -27.14 9.54
N ARG B 153 4.99 -26.64 10.78
CA ARG B 153 6.03 -27.09 11.70
C ARG B 153 5.80 -28.49 12.24
N ASN B 154 4.64 -29.11 11.97
CA ASN B 154 4.42 -30.51 12.33
C ASN B 154 4.99 -31.48 11.29
N GLN B 155 5.56 -30.97 10.20
CA GLN B 155 6.01 -31.80 9.09
C GLN B 155 7.53 -31.74 9.05
N GLU B 156 8.16 -32.88 9.35
CA GLU B 156 9.60 -32.98 9.21
C GLU B 156 9.98 -33.12 7.73
N ILE B 157 11.00 -32.38 7.32
CA ILE B 157 11.46 -32.35 5.94
C ILE B 157 12.93 -32.77 5.81
N SER B 158 13.52 -33.34 6.87
CA SER B 158 14.87 -33.88 6.82
C SER B 158 14.92 -35.09 7.73
N GLY B 159 16.07 -35.77 7.73
CA GLY B 159 16.36 -36.74 8.77
C GLY B 159 16.97 -36.06 9.98
N THR B 160 17.18 -36.85 11.02
CA THR B 160 17.85 -36.40 12.23
C THR B 160 19.36 -36.27 12.04
N TYR B 161 19.92 -35.10 12.33
CA TYR B 161 21.38 -34.93 12.34
C TYR B 161 21.78 -33.90 13.40
N GLN B 162 23.10 -33.76 13.60
CA GLN B 162 23.64 -32.89 14.63
C GLN B 162 23.84 -31.46 14.12
N ILE B 163 23.32 -30.48 14.87
CA ILE B 163 23.56 -29.07 14.63
C ILE B 163 24.28 -28.47 15.83
N GLN B 164 24.87 -27.31 15.60
CA GLN B 164 25.55 -26.55 16.63
C GLN B 164 24.64 -25.38 16.97
N ALA B 165 24.00 -25.44 18.13
CA ALA B 165 22.92 -24.53 18.50
C ALA B 165 23.30 -23.65 19.69
N TRP B 166 22.81 -22.41 19.67
CA TRP B 166 23.14 -21.41 20.71
C TRP B 166 22.17 -21.56 21.89
N THR B 167 22.52 -22.47 22.79
CA THR B 167 21.62 -22.80 23.88
C THR B 167 22.27 -22.81 25.26
N LYS B 168 23.56 -22.48 25.35
CA LYS B 168 24.26 -22.52 26.62
C LYS B 168 24.22 -21.13 27.25
N PHE B 169 23.54 -21.03 28.40
CA PHE B 169 23.44 -19.80 29.20
C PHE B 169 24.04 -20.07 30.56
N ASP B 170 25.17 -19.43 30.85
CA ASP B 170 25.86 -19.60 32.11
C ASP B 170 25.97 -18.31 32.94
N PHE B 171 25.75 -17.14 32.35
CA PHE B 171 25.65 -15.85 33.04
C PHE B 171 26.97 -15.50 33.73
N PRO B 172 28.07 -15.40 32.99
CA PRO B 172 29.36 -15.17 33.64
C PRO B 172 29.45 -13.86 34.41
N GLY B 173 28.69 -12.84 34.03
CA GLY B 173 28.72 -11.58 34.74
C GLY B 173 27.88 -11.55 35.99
N ARG B 174 26.86 -12.40 36.08
CA ARG B 174 25.98 -12.41 37.24
C ARG B 174 26.34 -13.49 38.25
N GLY B 175 26.93 -14.60 37.80
CA GLY B 175 27.19 -15.69 38.70
C GLY B 175 25.89 -16.30 39.20
N ASN B 176 25.89 -16.65 40.48
CA ASN B 176 24.72 -17.22 41.11
C ASN B 176 23.84 -16.18 41.80
N THR B 177 24.15 -14.90 41.67
CA THR B 177 23.28 -13.85 42.22
C THR B 177 21.85 -14.01 41.75
N TYR B 178 20.91 -13.99 42.71
CA TYR B 178 19.48 -14.12 42.48
C TYR B 178 19.04 -15.52 42.03
N SER B 179 19.85 -16.21 41.23
CA SER B 179 19.44 -17.51 40.71
C SER B 179 20.66 -18.26 40.22
N SER B 180 20.73 -19.56 40.52
CA SER B 180 21.84 -20.37 40.04
C SER B 180 21.47 -21.23 38.84
N PHE B 181 20.29 -21.01 38.25
CA PHE B 181 19.82 -21.81 37.13
C PHE B 181 20.64 -21.54 35.87
N LYS B 182 21.14 -22.62 35.26
CA LYS B 182 21.85 -22.55 33.97
C LYS B 182 20.99 -23.18 32.87
N TRP B 183 20.90 -22.49 31.73
CA TRP B 183 20.09 -22.99 30.62
C TRP B 183 20.93 -23.83 29.67
N ARG B 184 20.33 -24.90 29.14
CA ARG B 184 20.96 -25.82 28.20
C ARG B 184 19.93 -26.19 27.14
N TRP B 185 20.41 -26.84 26.07
CA TRP B 185 19.55 -27.14 24.91
C TRP B 185 18.26 -27.84 25.31
N TYR B 186 18.30 -28.72 26.30
CA TYR B 186 17.10 -29.49 26.62
C TYR B 186 16.03 -28.66 27.34
N HIS B 187 16.34 -27.41 27.69
CA HIS B 187 15.32 -26.49 28.17
C HIS B 187 14.57 -25.81 27.02
N PHE B 188 14.97 -26.07 25.78
CA PHE B 188 14.41 -25.41 24.61
C PHE B 188 13.80 -26.46 23.68
N ASP B 189 12.87 -26.03 22.82
CA ASP B 189 12.32 -26.97 21.85
C ASP B 189 13.00 -26.89 20.49
N GLY B 190 13.68 -25.81 20.19
CA GLY B 190 14.28 -25.68 18.87
C GLY B 190 14.96 -24.33 18.70
N VAL B 191 15.63 -24.20 17.55
CA VAL B 191 16.35 -22.98 17.16
C VAL B 191 16.13 -22.77 15.67
N ASP B 192 16.55 -21.61 15.17
CA ASP B 192 16.50 -21.37 13.73
C ASP B 192 17.87 -21.17 13.10
N TRP B 193 18.93 -21.53 13.79
CA TRP B 193 20.28 -21.28 13.31
C TRP B 193 21.17 -22.45 13.70
N ASP B 194 21.85 -23.03 12.71
CA ASP B 194 22.90 -24.01 12.97
C ASP B 194 24.21 -23.28 12.74
N GLU B 195 25.03 -23.20 13.80
CA GLU B 195 26.28 -22.44 13.74
C GLU B 195 27.39 -23.17 12.98
N SER B 196 27.35 -24.52 12.94
CA SER B 196 28.43 -25.24 12.27
C SER B 196 28.36 -25.05 10.74
N ARG B 197 27.17 -24.89 10.18
CA ARG B 197 26.99 -24.73 8.75
C ARG B 197 26.53 -23.32 8.35
N LYS B 198 26.29 -22.41 9.30
CA LYS B 198 25.72 -21.09 8.97
C LYS B 198 24.42 -21.22 8.21
N LEU B 199 23.56 -22.13 8.64
CA LEU B 199 22.28 -22.39 7.98
C LEU B 199 21.13 -21.84 8.80
N SER B 200 20.19 -21.20 8.12
CA SER B 200 18.95 -20.71 8.71
C SER B 200 17.82 -21.65 8.29
N ARG B 201 17.36 -22.49 9.23
CA ARG B 201 16.27 -23.44 9.04
C ARG B 201 15.49 -23.49 10.36
N ILE B 202 14.29 -24.06 10.36
CA ILE B 202 13.57 -24.29 11.61
C ILE B 202 13.97 -25.67 12.13
N TYR B 203 14.75 -25.71 13.21
CA TYR B 203 15.22 -26.98 13.75
C TYR B 203 14.40 -27.33 14.99
N LYS B 204 13.82 -28.53 14.99
CA LYS B 204 13.18 -29.05 16.18
C LYS B 204 14.18 -29.98 16.87
N PHE B 205 14.34 -29.82 18.18
CA PHE B 205 15.28 -30.66 18.90
C PHE B 205 14.70 -32.07 19.05
N ARG B 206 15.59 -33.05 19.07
CA ARG B 206 15.27 -34.44 19.39
C ARG B 206 15.54 -34.70 20.87
N GLY B 207 14.84 -35.67 21.42
CA GLY B 207 14.97 -36.05 22.82
C GLY B 207 13.67 -36.64 23.32
N ILE B 208 13.76 -37.34 24.46
CA ILE B 208 12.56 -37.98 25.01
C ILE B 208 11.54 -36.93 25.37
N GLY B 209 10.36 -37.03 24.78
CA GLY B 209 9.28 -36.09 25.03
C GLY B 209 9.42 -34.74 24.35
N LYS B 210 10.48 -34.52 23.57
CA LYS B 210 10.67 -33.24 22.89
C LYS B 210 9.60 -33.09 21.81
N ALA B 211 8.89 -31.97 21.83
CA ALA B 211 7.85 -31.70 20.85
C ALA B 211 7.56 -30.21 20.91
N TRP B 212 7.02 -29.67 19.82
CA TRP B 212 6.48 -28.34 19.92
C TRP B 212 5.38 -28.34 20.99
N ASP B 213 5.30 -27.23 21.73
CA ASP B 213 4.35 -27.06 22.82
C ASP B 213 2.91 -26.99 22.30
N TRP B 214 1.95 -27.28 23.17
CA TRP B 214 0.54 -27.29 22.80
C TRP B 214 -0.29 -27.03 24.04
N GLU B 215 -1.30 -26.16 23.95
CA GLU B 215 -1.82 -25.54 22.74
C GLU B 215 -1.15 -24.22 22.38
N VAL B 216 -0.97 -23.98 21.09
CA VAL B 216 -0.50 -22.70 20.56
C VAL B 216 -1.32 -22.34 19.32
N ASP B 217 -0.99 -21.20 18.73
CA ASP B 217 -1.63 -20.81 17.49
C ASP B 217 -1.28 -21.80 16.38
N THR B 218 -2.25 -22.06 15.50
CA THR B 218 -2.14 -23.04 14.43
C THR B 218 -1.73 -22.45 13.09
N GLU B 219 -1.42 -21.15 13.01
CA GLU B 219 -0.79 -20.65 11.80
C GLU B 219 0.55 -21.36 11.61
N ASN B 220 0.84 -21.74 10.36
CA ASN B 220 1.99 -22.61 10.04
C ASN B 220 1.92 -23.96 10.73
N GLY B 221 0.71 -24.46 10.97
CA GLY B 221 0.50 -25.78 11.62
C GLY B 221 0.69 -25.75 13.13
N ASN B 222 1.79 -25.15 13.58
CA ASN B 222 2.03 -24.99 15.00
C ASN B 222 2.99 -23.82 15.09
N TYR B 223 2.57 -22.74 15.72
CA TYR B 223 3.36 -21.51 15.73
C TYR B 223 4.13 -21.34 17.03
N ASP B 224 4.50 -22.44 17.67
CA ASP B 224 5.34 -22.38 18.87
C ASP B 224 6.69 -21.72 18.55
N TYR B 225 7.35 -22.16 17.49
CA TYR B 225 8.68 -21.60 17.19
C TYR B 225 8.54 -20.20 16.59
N LEU B 226 9.34 -19.25 17.09
CA LEU B 226 9.32 -17.92 16.48
C LEU B 226 10.71 -17.38 16.14
N MET B 227 11.65 -17.42 17.07
CA MET B 227 12.98 -16.84 16.84
C MET B 227 13.90 -17.27 17.97
N TYR B 228 15.21 -17.07 17.75
CA TYR B 228 16.24 -17.41 18.73
C TYR B 228 16.06 -18.85 19.25
N ALA B 229 16.33 -19.10 20.54
CA ALA B 229 16.10 -20.41 21.14
C ALA B 229 14.73 -20.44 21.81
N ASP B 230 13.85 -21.32 21.34
CA ASP B 230 12.47 -21.34 21.76
C ASP B 230 12.30 -22.13 23.05
N LEU B 231 11.72 -21.50 24.07
CA LEU B 231 11.61 -22.14 25.39
C LEU B 231 10.67 -23.32 25.34
N ASP B 232 11.04 -24.40 26.05
CA ASP B 232 10.20 -25.59 26.16
C ASP B 232 9.35 -25.47 27.43
N MET B 233 8.12 -24.96 27.27
CA MET B 233 7.21 -24.77 28.41
C MET B 233 6.69 -26.07 28.98
N ASP B 234 6.98 -27.20 28.33
CA ASP B 234 6.66 -28.51 28.86
C ASP B 234 7.70 -29.01 29.85
N HIS B 235 8.85 -28.35 29.94
CA HIS B 235 9.89 -28.79 30.84
C HIS B 235 9.64 -28.21 32.22
N PRO B 236 9.49 -29.04 33.25
CA PRO B 236 9.15 -28.52 34.58
C PRO B 236 10.25 -27.67 35.20
N GLU B 237 11.52 -27.96 34.92
CA GLU B 237 12.59 -27.11 35.42
C GLU B 237 12.42 -25.68 34.92
N VAL B 238 11.94 -25.56 33.66
CA VAL B 238 11.73 -24.26 33.04
C VAL B 238 10.52 -23.56 33.66
N VAL B 239 9.41 -24.28 33.83
CA VAL B 239 8.25 -23.68 34.47
C VAL B 239 8.62 -23.18 35.86
N THR B 240 9.36 -24.00 36.61
CA THR B 240 9.72 -23.65 37.98
C THR B 240 10.60 -22.41 38.01
N GLU B 241 11.56 -22.33 37.08
CA GLU B 241 12.48 -21.21 37.10
C GLU B 241 11.77 -19.90 36.72
N LEU B 242 10.86 -19.95 35.76
CA LEU B 242 10.12 -18.73 35.42
C LEU B 242 9.18 -18.32 36.55
N LYS B 243 8.63 -19.26 37.29
CA LYS B 243 7.82 -18.95 38.42
C LYS B 243 8.70 -18.24 39.48
N ASN B 244 9.89 -18.75 39.74
CA ASN B 244 10.79 -18.10 40.70
C ASN B 244 11.14 -16.69 40.26
N TRP B 245 11.42 -16.51 38.97
CA TRP B 245 11.77 -15.18 38.48
C TRP B 245 10.60 -14.21 38.63
N GLY B 246 9.38 -14.66 38.32
CA GLY B 246 8.22 -13.79 38.46
C GLY B 246 8.10 -13.23 39.87
N LYS B 247 8.14 -14.12 40.86
CA LYS B 247 8.10 -13.70 42.26
C LYS B 247 9.24 -12.74 42.59
N TRP B 248 10.47 -13.13 42.25
CA TRP B 248 11.64 -12.29 42.48
C TRP B 248 11.44 -10.91 41.87
N TYR B 249 10.90 -10.85 40.66
CA TYR B 249 10.85 -9.59 39.92
C TYR B 249 9.83 -8.63 40.52
N VAL B 250 8.64 -9.13 40.85
CA VAL B 250 7.64 -8.25 41.46
C VAL B 250 8.13 -7.76 42.81
N ASN B 251 8.74 -8.65 43.61
CA ASN B 251 9.25 -8.24 44.91
C ASN B 251 10.45 -7.30 44.79
N THR B 252 11.29 -7.48 43.77
CA THR B 252 12.48 -6.63 43.65
C THR B 252 12.12 -5.23 43.16
N THR B 253 11.14 -5.12 42.28
CA THR B 253 10.87 -3.88 41.57
C THR B 253 9.62 -3.16 42.05
N ASN B 254 8.68 -3.88 42.66
CA ASN B 254 7.39 -3.36 43.08
C ASN B 254 6.51 -2.95 41.89
N ILE B 255 6.71 -3.55 40.72
CA ILE B 255 5.80 -3.30 39.59
C ILE B 255 4.40 -3.77 39.95
N ASP B 256 3.42 -3.31 39.16
CA ASP B 256 2.00 -3.55 39.44
C ASP B 256 1.32 -4.50 38.48
N GLY B 257 1.97 -4.87 37.39
CA GLY B 257 1.33 -5.75 36.44
C GLY B 257 2.27 -6.05 35.30
N PHE B 258 1.74 -6.77 34.30
CA PHE B 258 2.54 -7.29 33.21
C PHE B 258 1.88 -7.03 31.87
N ARG B 259 2.75 -6.78 30.89
CA ARG B 259 2.41 -6.93 29.48
C ARG B 259 3.14 -8.17 29.00
N LEU B 260 2.39 -9.19 28.59
CA LEU B 260 2.91 -10.50 28.21
C LEU B 260 3.16 -10.55 26.70
N ASP B 261 4.42 -10.72 26.32
CA ASP B 261 4.83 -10.71 24.92
C ASP B 261 4.56 -12.05 24.23
N ALA B 262 4.00 -11.98 23.01
CA ALA B 262 3.98 -13.12 22.08
C ALA B 262 3.23 -14.35 22.62
N VAL B 263 2.06 -14.13 23.23
CA VAL B 263 1.39 -15.23 23.93
C VAL B 263 0.84 -16.28 22.97
N LYS B 264 0.54 -15.91 21.72
CA LYS B 264 0.09 -16.93 20.78
C LYS B 264 1.21 -17.94 20.46
N HIS B 265 2.47 -17.61 20.74
CA HIS B 265 3.58 -18.54 20.53
C HIS B 265 3.97 -19.31 21.80
N ILE B 266 3.16 -19.25 22.86
CA ILE B 266 3.51 -19.83 24.15
C ILE B 266 2.35 -20.72 24.61
N LYS B 267 2.67 -21.94 25.05
CA LYS B 267 1.68 -22.89 25.57
C LYS B 267 0.57 -22.18 26.36
N PHE B 268 -0.68 -22.32 25.89
CA PHE B 268 -1.80 -21.53 26.43
C PHE B 268 -1.99 -21.80 27.93
N SER B 269 -1.86 -23.05 28.36
CA SER B 269 -2.06 -23.37 29.77
C SER B 269 -0.98 -22.78 30.67
N PHE B 270 0.10 -22.24 30.11
CA PHE B 270 1.20 -21.83 30.96
C PHE B 270 0.86 -20.57 31.76
N PHE B 271 0.26 -19.58 31.12
CA PHE B 271 0.13 -18.33 31.85
C PHE B 271 -0.92 -18.32 32.96
N PRO B 272 -2.06 -19.01 32.83
CA PRO B 272 -2.93 -19.16 34.01
C PRO B 272 -2.17 -19.70 35.21
N ASP B 273 -1.39 -20.76 35.02
CA ASP B 273 -0.61 -21.35 36.10
C ASP B 273 0.47 -20.41 36.60
N TRP B 274 1.19 -19.72 35.70
CA TRP B 274 2.23 -18.80 36.14
C TRP B 274 1.63 -17.61 36.89
N LEU B 275 0.61 -16.98 36.31
CA LEU B 275 0.02 -15.81 36.96
C LEU B 275 -0.55 -16.15 38.33
N SER B 276 -1.23 -17.29 38.44
CA SER B 276 -1.83 -17.60 39.73
C SER B 276 -0.75 -17.87 40.79
N TYR B 277 0.42 -18.37 40.37
CA TYR B 277 1.51 -18.50 41.32
C TYR B 277 2.05 -17.12 41.73
N VAL B 278 2.33 -16.24 40.76
CA VAL B 278 2.97 -14.96 41.11
C VAL B 278 1.99 -14.05 41.84
N ARG B 279 0.70 -14.06 41.47
CA ARG B 279 -0.28 -13.28 42.21
C ARG B 279 -0.38 -13.75 43.65
N SER B 280 -0.53 -15.06 43.85
CA SER B 280 -0.77 -15.52 45.21
C SER B 280 0.48 -15.39 46.07
N GLN B 281 1.68 -15.49 45.48
CA GLN B 281 2.90 -15.39 46.26
C GLN B 281 3.30 -13.96 46.59
N THR B 282 2.81 -12.97 45.84
CA THR B 282 3.08 -11.57 46.16
C THR B 282 1.87 -10.87 46.75
N GLY B 283 0.71 -11.50 46.74
CA GLY B 283 -0.47 -10.84 47.29
C GLY B 283 -0.87 -9.61 46.53
N LYS B 284 -0.53 -9.53 45.25
CA LYS B 284 -0.82 -8.38 44.42
C LYS B 284 -1.76 -8.80 43.31
N PRO B 285 -2.73 -7.96 42.94
CA PRO B 285 -3.66 -8.38 41.87
C PRO B 285 -2.98 -8.50 40.50
N LEU B 286 -1.96 -7.71 40.22
CA LEU B 286 -1.13 -7.83 39.01
C LEU B 286 -2.01 -7.94 37.75
N PHE B 287 -2.57 -6.78 37.37
CA PHE B 287 -3.26 -6.68 36.08
C PHE B 287 -2.34 -7.16 34.96
N THR B 288 -2.91 -7.85 33.98
CA THR B 288 -2.07 -8.43 32.93
C THR B 288 -2.75 -8.29 31.59
N VAL B 289 -2.03 -7.77 30.59
CA VAL B 289 -2.53 -7.73 29.22
C VAL B 289 -1.56 -8.53 28.35
N GLY B 290 -2.10 -9.43 27.56
CA GLY B 290 -1.32 -10.24 26.65
C GLY B 290 -1.44 -9.76 25.21
N GLU B 291 -0.33 -9.88 24.48
CA GLU B 291 -0.28 -9.55 23.05
C GLU B 291 -0.46 -10.85 22.25
N TYR B 292 -1.71 -11.14 21.87
CA TYR B 292 -2.04 -12.22 20.93
C TYR B 292 -2.27 -11.54 19.59
N TRP B 293 -1.28 -11.61 18.69
CA TRP B 293 -1.36 -10.79 17.48
C TRP B 293 -2.12 -11.56 16.42
N SER B 294 -3.39 -11.20 16.25
CA SER B 294 -4.24 -11.81 15.24
C SER B 294 -5.39 -10.86 14.94
N TYR B 295 -5.74 -10.72 13.67
CA TYR B 295 -6.93 -9.97 13.28
C TYR B 295 -8.19 -10.83 13.28
N ASP B 296 -8.06 -12.12 13.59
CA ASP B 296 -9.18 -13.07 13.62
C ASP B 296 -9.76 -13.08 15.04
N ILE B 297 -10.90 -12.41 15.22
CA ILE B 297 -11.48 -12.22 16.55
C ILE B 297 -11.74 -13.57 17.23
N ASN B 298 -12.03 -14.61 16.46
CA ASN B 298 -12.33 -15.91 17.06
C ASN B 298 -11.10 -16.55 17.68
N LYS B 299 -9.91 -16.24 17.16
CA LYS B 299 -8.69 -16.71 17.80
C LYS B 299 -8.52 -16.07 19.17
N LEU B 300 -8.84 -14.77 19.29
CA LEU B 300 -8.74 -14.10 20.59
C LEU B 300 -9.72 -14.69 21.59
N HIS B 301 -10.95 -14.97 21.15
CA HIS B 301 -11.93 -15.56 22.06
C HIS B 301 -11.46 -16.93 22.52
N ASN B 302 -10.99 -17.76 21.58
CA ASN B 302 -10.41 -19.06 21.93
C ASN B 302 -9.37 -18.89 23.03
N TYR B 303 -8.43 -17.95 22.85
CA TYR B 303 -7.39 -17.78 23.85
C TYR B 303 -7.98 -17.36 25.19
N ILE B 304 -8.99 -16.53 25.15
CA ILE B 304 -9.63 -16.05 26.34
C ILE B 304 -10.31 -17.18 27.14
N THR B 305 -10.95 -18.10 26.46
CA THR B 305 -11.56 -19.20 27.15
C THR B 305 -10.51 -20.22 27.62
N LYS B 306 -9.49 -20.44 26.82
CA LYS B 306 -8.45 -21.35 27.18
C LYS B 306 -7.66 -20.86 28.41
N THR B 307 -7.56 -19.54 28.62
CA THR B 307 -6.92 -19.02 29.82
C THR B 307 -7.92 -18.48 30.86
N ASN B 308 -9.21 -18.84 30.73
CA ASN B 308 -10.24 -18.54 31.74
C ASN B 308 -10.33 -17.05 32.09
N GLY B 309 -10.10 -16.17 31.13
CA GLY B 309 -10.22 -14.75 31.41
C GLY B 309 -9.22 -14.22 32.41
N THR B 310 -8.10 -14.93 32.63
CA THR B 310 -7.11 -14.50 33.61
C THR B 310 -6.36 -13.24 33.20
N MET B 311 -6.46 -12.81 31.93
CA MET B 311 -5.75 -11.63 31.45
C MET B 311 -6.57 -10.94 30.36
N SER B 312 -6.35 -9.63 30.22
CA SER B 312 -6.87 -8.89 29.09
C SER B 312 -6.01 -9.18 27.84
N LEU B 313 -6.49 -8.73 26.70
CA LEU B 313 -5.73 -8.81 25.45
C LEU B 313 -5.78 -7.48 24.70
N PHE B 314 -4.71 -7.19 23.97
CA PHE B 314 -4.71 -6.06 23.07
C PHE B 314 -5.71 -6.30 21.96
N ASP B 315 -6.45 -5.26 21.60
CA ASP B 315 -7.49 -5.41 20.58
C ASP B 315 -6.86 -5.17 19.20
N ALA B 316 -6.06 -6.16 18.80
CA ALA B 316 -5.44 -6.11 17.49
C ALA B 316 -6.46 -5.98 16.36
N PRO B 317 -7.63 -6.64 16.40
CA PRO B 317 -8.61 -6.42 15.31
C PRO B 317 -9.09 -4.96 15.21
N LEU B 318 -9.27 -4.27 16.33
CA LEU B 318 -9.64 -2.86 16.24
C LEU B 318 -8.54 -2.04 15.57
N HIS B 319 -7.27 -2.34 15.88
CA HIS B 319 -6.19 -1.63 15.22
C HIS B 319 -6.31 -1.78 13.70
N ASN B 320 -6.70 -2.96 13.23
CA ASN B 320 -6.81 -3.17 11.79
C ASN B 320 -7.95 -2.35 11.20
N LYS B 321 -9.03 -2.18 11.96
CA LYS B 321 -10.12 -1.29 11.54
C LYS B 321 -9.60 0.12 11.32
N PHE B 322 -8.89 0.67 12.31
CA PHE B 322 -8.32 2.01 12.18
C PHE B 322 -7.42 2.10 10.95
N TYR B 323 -6.51 1.13 10.80
CA TYR B 323 -5.59 1.16 9.66
C TYR B 323 -6.32 1.12 8.33
N THR B 324 -7.34 0.27 8.23
CA THR B 324 -8.06 0.11 6.98
C THR B 324 -8.83 1.37 6.64
N ALA B 325 -9.60 1.89 7.63
CA ALA B 325 -10.36 3.10 7.42
C ALA B 325 -9.45 4.27 7.04
N SER B 326 -8.25 4.33 7.60
CA SER B 326 -7.35 5.44 7.33
C SER B 326 -6.75 5.39 5.93
N LYS B 327 -6.79 4.22 5.27
CA LYS B 327 -6.21 4.04 3.95
C LYS B 327 -7.26 4.02 2.83
N SER B 328 -8.55 4.09 3.16
CA SER B 328 -9.62 3.85 2.19
C SER B 328 -10.24 5.12 1.61
N GLY B 329 -9.68 6.29 1.89
CA GLY B 329 -10.14 7.53 1.26
C GLY B 329 -11.60 7.90 1.52
N GLY B 330 -12.17 7.45 2.62
CA GLY B 330 -13.57 7.70 2.90
C GLY B 330 -14.51 6.57 2.52
N ALA B 331 -14.01 5.51 1.86
CA ALA B 331 -14.88 4.44 1.40
C ALA B 331 -15.15 3.37 2.46
N PHE B 332 -14.43 3.41 3.57
CA PHE B 332 -14.74 2.53 4.68
C PHE B 332 -16.15 2.80 5.18
N ASP B 333 -16.84 1.75 5.58
CA ASP B 333 -18.17 1.89 6.20
C ASP B 333 -17.94 2.09 7.71
N MET B 334 -18.00 3.34 8.17
CA MET B 334 -17.68 3.61 9.55
C MET B 334 -18.67 2.99 10.51
N ARG B 335 -19.84 2.57 10.03
CA ARG B 335 -20.74 1.84 10.91
C ARG B 335 -20.18 0.48 11.31
N THR B 336 -19.17 -0.02 10.60
CA THR B 336 -18.56 -1.29 10.95
C THR B 336 -17.27 -1.14 11.78
N LEU B 337 -16.96 0.08 12.24
CA LEU B 337 -15.66 0.35 12.86
C LEU B 337 -15.39 -0.56 14.06
N MET B 338 -16.43 -0.96 14.80
CA MET B 338 -16.31 -1.75 16.03
C MET B 338 -16.62 -3.22 15.84
N THR B 339 -17.15 -3.59 14.68
CA THR B 339 -17.67 -4.93 14.47
C THR B 339 -16.54 -5.93 14.50
N ASN B 340 -16.75 -7.04 15.22
CA ASN B 340 -15.74 -8.10 15.38
C ASN B 340 -14.44 -7.55 15.97
N THR B 341 -14.58 -6.67 16.97
CA THR B 341 -13.43 -6.26 17.78
C THR B 341 -13.63 -6.72 19.21
N LEU B 342 -12.51 -6.78 19.95
CA LEU B 342 -12.60 -7.09 21.37
C LEU B 342 -13.33 -6.00 22.14
N MET B 343 -13.19 -4.75 21.68
CA MET B 343 -13.83 -3.65 22.38
C MET B 343 -15.35 -3.81 22.34
N LYS B 344 -15.88 -4.42 21.28
CA LYS B 344 -17.31 -4.74 21.20
C LYS B 344 -17.67 -6.05 21.89
N ASP B 345 -16.86 -7.11 21.67
CA ASP B 345 -17.26 -8.46 22.06
C ASP B 345 -16.95 -8.78 23.50
N GLN B 346 -15.81 -8.32 24.02
CA GLN B 346 -15.35 -8.64 25.37
C GLN B 346 -14.73 -7.40 26.00
N PRO B 347 -15.51 -6.33 26.19
CA PRO B 347 -14.89 -5.02 26.46
C PRO B 347 -14.07 -4.96 27.74
N THR B 348 -14.45 -5.70 28.79
CA THR B 348 -13.67 -5.63 30.03
C THR B 348 -12.35 -6.38 29.96
N LEU B 349 -12.10 -7.15 28.90
CA LEU B 349 -10.78 -7.76 28.69
C LEU B 349 -10.07 -7.11 27.51
N ALA B 350 -10.57 -5.99 27.01
CA ALA B 350 -10.01 -5.35 25.83
C ALA B 350 -9.07 -4.23 26.26
N VAL B 351 -7.86 -4.26 25.74
CA VAL B 351 -6.93 -3.15 25.86
C VAL B 351 -6.79 -2.58 24.45
N THR B 352 -7.18 -1.33 24.27
CA THR B 352 -7.33 -0.75 22.95
C THR B 352 -6.18 0.20 22.66
N PHE B 353 -5.87 0.34 21.39
CA PHE B 353 -4.73 1.18 21.00
C PHE B 353 -4.90 1.54 19.53
N VAL B 354 -4.14 2.53 19.10
CA VAL B 354 -4.13 2.96 17.71
C VAL B 354 -2.95 2.39 16.95
N ASP B 355 -1.75 2.56 17.49
CA ASP B 355 -0.53 2.00 16.95
C ASP B 355 0.36 1.57 18.10
N ASN B 356 1.34 0.71 17.80
CA ASN B 356 2.34 0.32 18.80
C ASN B 356 3.69 0.21 18.12
N HIS B 357 4.68 -0.28 18.86
CA HIS B 357 6.04 -0.34 18.32
C HIS B 357 6.14 -1.36 17.17
N ASP B 358 5.30 -2.40 17.17
CA ASP B 358 5.35 -3.39 16.09
C ASP B 358 4.66 -2.91 14.81
N THR B 359 3.74 -1.95 14.87
CA THR B 359 3.08 -1.46 13.67
C THR B 359 3.78 -0.23 13.08
N GLU B 360 4.85 0.26 13.72
CA GLU B 360 5.60 1.38 13.18
C GLU B 360 6.13 1.06 11.78
N PRO B 361 6.39 2.10 10.97
CA PRO B 361 7.03 1.86 9.67
C PRO B 361 8.35 1.11 9.84
N GLY B 362 8.59 0.15 8.95
CA GLY B 362 9.80 -0.62 8.93
C GLY B 362 9.78 -1.88 9.78
N GLN B 363 8.74 -2.07 10.59
CA GLN B 363 8.65 -3.22 11.48
C GLN B 363 7.86 -4.35 10.81
N ALA B 364 7.88 -5.53 11.44
CA ALA B 364 7.31 -6.71 10.79
C ALA B 364 5.79 -6.71 10.79
N LEU B 365 5.16 -6.01 11.73
CA LEU B 365 3.70 -5.88 11.76
C LEU B 365 3.25 -4.52 11.25
N GLN B 366 4.08 -3.86 10.45
CA GLN B 366 3.80 -2.54 9.90
C GLN B 366 2.37 -2.44 9.40
N SER B 367 1.62 -1.50 9.97
CA SER B 367 0.28 -1.12 9.56
C SER B 367 0.01 0.20 10.24
N TRP B 368 0.78 1.22 9.85
CA TRP B 368 0.80 2.50 10.54
C TRP B 368 -0.44 3.32 10.15
N VAL B 369 -1.24 3.70 11.16
CA VAL B 369 -2.43 4.51 10.92
C VAL B 369 -2.02 5.91 10.48
N ASP B 370 -2.54 6.35 9.33
CA ASP B 370 -2.20 7.64 8.76
C ASP B 370 -2.54 8.78 9.70
N PRO B 371 -1.73 9.84 9.74
CA PRO B 371 -1.93 10.90 10.75
C PRO B 371 -3.29 11.57 10.72
N TRP B 372 -3.89 11.77 9.54
CA TRP B 372 -5.19 12.43 9.49
C TRP B 372 -6.23 11.64 10.28
N PHE B 373 -6.13 10.32 10.28
CA PHE B 373 -7.12 9.49 10.97
C PHE B 373 -6.79 9.29 12.44
N LYS B 374 -5.53 9.50 12.81
CA LYS B 374 -5.08 9.14 14.15
C LYS B 374 -5.82 9.88 15.26
N PRO B 375 -6.11 11.19 15.16
CA PRO B 375 -6.87 11.84 16.25
C PRO B 375 -8.27 11.29 16.36
N LEU B 376 -8.86 10.84 15.25
CA LEU B 376 -10.17 10.22 15.29
C LEU B 376 -10.12 8.88 16.01
N ALA B 377 -9.06 8.10 15.79
CA ALA B 377 -8.96 6.80 16.44
C ALA B 377 -8.75 6.93 17.94
N TYR B 378 -7.92 7.89 18.36
CA TYR B 378 -7.74 8.09 19.81
C TYR B 378 -9.03 8.55 20.47
N ALA B 379 -9.80 9.42 19.81
CA ALA B 379 -11.07 9.86 20.40
C ALA B 379 -12.00 8.66 20.57
N PHE B 380 -11.96 7.74 19.60
CA PHE B 380 -12.80 6.54 19.67
C PHE B 380 -12.47 5.70 20.89
N ILE B 381 -11.18 5.48 21.16
CA ILE B 381 -10.85 4.61 22.29
C ILE B 381 -10.83 5.35 23.62
N LEU B 382 -10.63 6.68 23.63
CA LEU B 382 -10.52 7.44 24.87
C LEU B 382 -11.87 7.92 25.44
N THR B 383 -12.85 8.27 24.61
CA THR B 383 -14.09 8.83 25.15
C THR B 383 -15.24 7.83 25.22
N ARG B 384 -15.06 6.63 24.69
CA ARG B 384 -16.09 5.60 24.83
C ARG B 384 -15.83 4.77 26.08
N GLN B 385 -16.86 4.07 26.53
CA GLN B 385 -16.80 3.36 27.81
C GLN B 385 -16.26 1.94 27.69
N GLU B 386 -16.18 1.38 26.49
CA GLU B 386 -15.62 0.04 26.33
C GLU B 386 -14.11 0.09 26.29
N GLY B 387 -13.48 -0.91 26.91
CA GLY B 387 -12.06 -1.13 26.78
C GLY B 387 -11.20 -0.28 27.71
N TYR B 388 -9.92 -0.61 27.71
CA TYR B 388 -8.91 0.04 28.54
C TYR B 388 -7.91 0.67 27.58
N PRO B 389 -8.01 1.97 27.32
CA PRO B 389 -7.26 2.56 26.19
C PRO B 389 -5.81 2.87 26.54
N GLY B 390 -4.99 2.89 25.50
CA GLY B 390 -3.59 3.20 25.64
C GLY B 390 -3.15 4.26 24.65
N VAL B 391 -2.21 5.09 25.08
CA VAL B 391 -1.55 6.06 24.23
C VAL B 391 -0.15 5.54 23.89
N PHE B 392 0.24 5.67 22.62
CA PHE B 392 1.53 5.19 22.17
C PHE B 392 2.57 6.31 22.23
N TYR B 393 3.70 6.00 22.88
CA TYR B 393 4.85 6.93 22.94
C TYR B 393 5.15 7.56 21.58
N GLY B 394 5.22 6.73 20.53
CA GLY B 394 5.58 7.22 19.21
C GLY B 394 4.64 8.31 18.70
N ASP B 395 3.34 8.15 18.96
CA ASP B 395 2.37 9.17 18.58
C ASP B 395 2.51 10.42 19.46
N TYR B 396 2.79 10.24 20.74
CA TYR B 396 2.79 11.37 21.67
C TYR B 396 4.00 12.27 21.45
N TYR B 397 5.21 11.68 21.39
CA TYR B 397 6.43 12.46 21.28
C TYR B 397 6.92 12.61 19.84
N GLY B 398 6.49 11.77 18.93
CA GLY B 398 7.01 11.76 17.58
C GLY B 398 8.02 10.64 17.36
N ILE B 399 8.30 10.38 16.08
CA ILE B 399 9.29 9.38 15.69
C ILE B 399 10.29 10.04 14.75
N PRO B 400 11.37 10.65 15.27
CA PRO B 400 12.32 11.35 14.38
C PRO B 400 12.87 10.46 13.28
N GLN B 401 13.06 9.18 13.57
CA GLN B 401 13.62 8.28 12.58
C GLN B 401 12.87 8.33 11.26
N TYR B 402 11.56 8.56 11.30
CA TYR B 402 10.78 8.67 10.07
C TYR B 402 10.23 10.07 9.86
N ASN B 403 10.80 11.07 10.56
CA ASN B 403 10.37 12.46 10.44
C ASN B 403 8.89 12.61 10.73
N ILE B 404 8.39 11.84 11.69
CA ILE B 404 6.99 11.85 12.09
C ILE B 404 6.87 12.81 13.28
N PRO B 405 6.22 13.95 13.13
CA PRO B 405 6.16 14.93 14.22
C PRO B 405 5.18 14.50 15.31
N SER B 406 5.42 15.05 16.49
CA SER B 406 4.62 14.72 17.67
C SER B 406 3.16 15.12 17.49
N LEU B 407 2.27 14.28 18.02
CA LEU B 407 0.84 14.57 18.00
C LEU B 407 0.33 14.92 19.39
N LYS B 408 1.22 15.34 20.29
CA LYS B 408 0.83 15.68 21.65
C LYS B 408 -0.27 16.74 21.68
N SER B 409 -0.16 17.77 20.83
CA SER B 409 -1.13 18.87 20.87
C SER B 409 -2.52 18.42 20.44
N LYS B 410 -2.63 17.30 19.73
CA LYS B 410 -3.96 16.77 19.40
C LYS B 410 -4.42 15.68 20.34
N ILE B 411 -3.49 15.01 21.03
CA ILE B 411 -3.86 13.93 21.95
C ILE B 411 -4.28 14.50 23.31
N ASP B 412 -3.55 15.50 23.82
CA ASP B 412 -3.84 16.11 25.11
C ASP B 412 -5.30 16.56 25.28
N PRO B 413 -5.95 17.23 24.32
CA PRO B 413 -7.39 17.51 24.48
C PRO B 413 -8.21 16.25 24.68
N LEU B 414 -7.84 15.17 24.00
CA LEU B 414 -8.56 13.92 24.14
C LEU B 414 -8.28 13.25 25.49
N LEU B 415 -7.06 13.39 26.01
CA LEU B 415 -6.81 12.88 27.35
C LEU B 415 -7.64 13.64 28.37
N ILE B 416 -7.78 14.95 28.19
CA ILE B 416 -8.59 15.77 29.10
C ILE B 416 -10.07 15.41 28.97
N ALA B 417 -10.54 15.15 27.74
CA ALA B 417 -11.89 14.65 27.57
C ALA B 417 -12.13 13.37 28.39
N ARG B 418 -11.21 12.42 28.31
CA ARG B 418 -11.36 11.19 29.09
C ARG B 418 -11.23 11.45 30.58
N ARG B 419 -10.29 12.30 30.98
CA ARG B 419 -10.05 12.55 32.40
C ARG B 419 -11.27 13.21 33.05
N ASP B 420 -11.88 14.20 32.37
CA ASP B 420 -12.91 15.03 33.00
C ASP B 420 -14.32 14.82 32.47
N TYR B 421 -14.50 14.36 31.24
CA TYR B 421 -15.84 14.42 30.67
C TYR B 421 -16.45 13.07 30.29
N ALA B 422 -15.63 12.05 29.98
CA ALA B 422 -16.13 10.79 29.42
C ALA B 422 -16.65 9.86 30.52
N TYR B 423 -17.83 10.20 31.06
CA TYR B 423 -18.37 9.45 32.18
C TYR B 423 -19.85 9.17 31.98
N GLY B 424 -20.30 8.09 32.56
CA GLY B 424 -21.72 7.83 32.59
C GLY B 424 -22.26 7.18 31.33
N THR B 425 -23.59 7.11 31.30
CA THR B 425 -24.33 6.37 30.28
C THR B 425 -23.94 6.79 28.86
N GLN B 426 -23.67 5.79 28.03
CA GLN B 426 -23.26 6.00 26.66
C GLN B 426 -24.42 5.76 25.69
N HIS B 427 -24.58 6.68 24.73
CA HIS B 427 -25.53 6.52 23.64
C HIS B 427 -24.77 6.48 22.32
N ASP B 428 -25.07 5.48 21.50
CA ASP B 428 -24.30 5.17 20.29
C ASP B 428 -25.04 5.63 19.03
N TYR B 429 -24.29 6.24 18.12
CA TYR B 429 -24.77 6.56 16.79
C TYR B 429 -23.69 6.20 15.77
N LEU B 430 -23.57 4.89 15.53
CA LEU B 430 -22.73 4.39 14.44
C LEU B 430 -23.66 4.07 13.27
N ASP B 431 -24.21 5.13 12.68
CA ASP B 431 -25.39 5.01 11.83
C ASP B 431 -25.20 5.63 10.45
N HIS B 432 -23.98 6.01 10.09
CA HIS B 432 -23.68 6.62 8.81
C HIS B 432 -22.32 6.12 8.34
N SER B 433 -22.15 5.97 7.03
CA SER B 433 -20.91 5.36 6.54
C SER B 433 -19.71 6.28 6.67
N ASP B 434 -19.93 7.58 6.90
CA ASP B 434 -18.83 8.53 7.15
C ASP B 434 -18.85 9.09 8.55
N ILE B 435 -19.98 9.63 8.99
CA ILE B 435 -20.09 10.40 10.23
C ILE B 435 -20.70 9.49 11.28
N ILE B 436 -19.91 9.19 12.32
CA ILE B 436 -20.39 8.42 13.45
C ILE B 436 -20.08 9.19 14.72
N GLY B 437 -20.90 8.95 15.74
CA GLY B 437 -20.69 9.60 17.02
C GLY B 437 -21.31 8.82 18.16
N TRP B 438 -21.10 9.35 19.36
CA TRP B 438 -21.59 8.75 20.59
C TRP B 438 -21.61 9.85 21.63
N THR B 439 -22.41 9.65 22.67
CA THR B 439 -22.45 10.59 23.77
C THR B 439 -22.20 9.87 25.09
N ARG B 440 -21.81 10.65 26.09
CA ARG B 440 -21.74 10.22 27.48
C ARG B 440 -22.49 11.22 28.33
N GLU B 441 -23.40 10.73 29.17
CA GLU B 441 -24.31 11.62 29.89
C GLU B 441 -23.63 12.37 31.03
N GLY B 442 -22.50 11.87 31.53
CA GLY B 442 -21.89 12.39 32.73
C GLY B 442 -22.44 11.73 33.99
N VAL B 443 -21.77 12.01 35.11
CA VAL B 443 -22.17 11.52 36.43
C VAL B 443 -22.09 12.67 37.43
N THR B 444 -23.05 12.71 38.36
CA THR B 444 -23.03 13.74 39.40
C THR B 444 -21.69 13.84 40.11
N GLU B 445 -21.05 12.70 40.40
CA GLU B 445 -19.79 12.71 41.14
C GLU B 445 -18.67 13.40 40.39
N LYS B 446 -18.80 13.60 39.07
CA LYS B 446 -17.86 14.39 38.27
C LYS B 446 -18.64 15.55 37.69
N PRO B 447 -18.80 16.64 38.45
CA PRO B 447 -19.53 17.79 37.93
C PRO B 447 -18.91 18.31 36.65
N GLY B 448 -19.78 18.74 35.73
CA GLY B 448 -19.33 19.20 34.44
C GLY B 448 -19.07 18.10 33.44
N SER B 449 -19.21 16.83 33.82
CA SER B 449 -18.96 15.75 32.87
C SER B 449 -20.08 15.67 31.84
N GLY B 450 -19.87 14.84 30.83
CA GLY B 450 -20.80 14.76 29.71
C GLY B 450 -20.09 15.20 28.45
N LEU B 451 -20.34 14.53 27.33
CA LEU B 451 -19.69 14.87 26.07
C LEU B 451 -20.45 14.24 24.92
N ALA B 452 -20.23 14.81 23.74
CA ALA B 452 -20.75 14.27 22.49
C ALA B 452 -19.63 14.32 21.47
N ALA B 453 -19.26 13.16 20.94
CA ALA B 453 -18.13 13.02 20.04
C ALA B 453 -18.63 12.67 18.63
N LEU B 454 -18.04 13.32 17.62
CA LEU B 454 -18.26 12.98 16.22
C LEU B 454 -16.90 12.81 15.56
N ILE B 455 -16.78 11.77 14.73
CA ILE B 455 -15.63 11.61 13.83
C ILE B 455 -16.17 11.26 12.45
N THR B 456 -15.41 11.62 11.41
CA THR B 456 -15.81 11.28 10.04
C THR B 456 -14.60 10.99 9.16
N ASP B 457 -14.69 9.91 8.38
CA ASP B 457 -13.66 9.60 7.40
C ASP B 457 -13.91 10.25 6.04
N GLY B 458 -14.95 11.07 5.92
CA GLY B 458 -15.25 11.75 4.68
C GLY B 458 -15.55 13.21 4.98
N PRO B 459 -16.43 13.83 4.18
CA PRO B 459 -16.80 15.22 4.46
C PRO B 459 -17.52 15.36 5.79
N GLY B 460 -17.46 16.58 6.33
CA GLY B 460 -18.05 16.90 7.60
C GLY B 460 -19.58 16.98 7.51
N GLY B 461 -20.16 17.46 8.59
CA GLY B 461 -21.61 17.48 8.66
C GLY B 461 -22.07 17.62 10.11
N SER B 462 -23.32 17.25 10.32
CA SER B 462 -23.97 17.39 11.62
C SER B 462 -24.71 16.10 11.97
N LYS B 463 -24.91 15.89 13.26
CA LYS B 463 -25.72 14.76 13.69
C LYS B 463 -26.42 15.11 15.01
N TRP B 464 -27.72 14.86 15.06
CA TRP B 464 -28.47 15.04 16.30
C TRP B 464 -28.20 13.87 17.23
N MET B 465 -27.83 14.16 18.47
CA MET B 465 -27.53 13.13 19.46
C MET B 465 -28.04 13.57 20.83
N TYR B 466 -28.38 12.58 21.65
CA TYR B 466 -28.96 12.78 22.98
C TYR B 466 -27.83 12.77 24.01
N VAL B 467 -27.66 13.89 24.73
CA VAL B 467 -26.71 13.94 25.85
C VAL B 467 -27.38 13.84 27.20
N GLY B 468 -28.72 13.88 27.26
CA GLY B 468 -29.41 13.84 28.54
C GLY B 468 -30.20 15.09 28.84
N LYS B 469 -31.42 14.93 29.37
CA LYS B 469 -32.26 16.10 29.65
C LYS B 469 -31.68 16.96 30.76
N GLN B 470 -30.80 16.42 31.60
CA GLN B 470 -30.17 17.24 32.63
C GLN B 470 -29.29 18.35 32.07
N HIS B 471 -28.97 18.32 30.78
CA HIS B 471 -28.10 19.31 30.16
C HIS B 471 -28.87 20.32 29.33
N ALA B 472 -30.20 20.28 29.33
CA ALA B 472 -31.01 21.20 28.54
C ALA B 472 -30.60 22.65 28.81
N GLY B 473 -30.43 23.43 27.74
CA GLY B 473 -30.05 24.82 27.84
C GLY B 473 -28.56 25.07 27.96
N LYS B 474 -27.77 24.10 28.41
CA LYS B 474 -26.33 24.26 28.51
C LYS B 474 -25.71 24.48 27.13
N VAL B 475 -24.59 25.19 27.10
CA VAL B 475 -23.83 25.41 25.87
C VAL B 475 -22.63 24.47 25.85
N PHE B 476 -22.43 23.77 24.74
CA PHE B 476 -21.29 22.88 24.53
C PHE B 476 -20.30 23.52 23.55
N TYR B 477 -19.01 23.35 23.81
CA TYR B 477 -17.98 23.78 22.87
C TYR B 477 -17.10 22.58 22.48
N ASP B 478 -16.31 22.74 21.42
CA ASP B 478 -15.48 21.68 20.87
C ASP B 478 -14.13 21.69 21.59
N LEU B 479 -13.95 20.73 22.51
CA LEU B 479 -12.74 20.64 23.32
C LEU B 479 -11.48 20.46 22.47
N THR B 480 -11.61 19.95 21.25
CA THR B 480 -10.45 19.81 20.39
C THR B 480 -10.02 21.14 19.78
N GLY B 481 -10.84 22.18 19.90
CA GLY B 481 -10.60 23.45 19.23
C GLY B 481 -10.68 23.41 17.72
N ASN B 482 -11.12 22.29 17.12
CA ASN B 482 -11.19 22.20 15.66
C ASN B 482 -12.33 23.04 15.09
N ARG B 483 -13.39 23.23 15.87
CA ARG B 483 -14.52 24.05 15.50
C ARG B 483 -14.71 25.09 16.57
N SER B 484 -15.06 26.31 16.18
CA SER B 484 -15.22 27.41 17.13
C SER B 484 -16.67 27.78 17.40
N ASP B 485 -17.63 27.16 16.73
CA ASP B 485 -19.02 27.45 17.02
C ASP B 485 -19.43 26.69 18.28
N THR B 486 -20.66 26.90 18.71
CA THR B 486 -21.20 26.28 19.91
C THR B 486 -22.48 25.52 19.57
N VAL B 487 -22.87 24.62 20.47
CA VAL B 487 -24.10 23.84 20.35
C VAL B 487 -24.87 24.01 21.64
N THR B 488 -26.14 24.36 21.54
CA THR B 488 -27.01 24.44 22.71
C THR B 488 -27.90 23.20 22.77
N ILE B 489 -28.01 22.63 23.96
CA ILE B 489 -28.82 21.43 24.13
C ILE B 489 -30.28 21.84 24.20
N THR B 490 -31.13 21.20 23.40
CA THR B 490 -32.55 21.55 23.42
C THR B 490 -33.19 21.06 24.71
N SER B 491 -34.47 21.39 24.87
CA SER B 491 -35.25 21.01 26.03
C SER B 491 -35.43 19.51 26.15
N ASP B 492 -35.20 18.77 25.05
CA ASP B 492 -35.40 17.33 25.06
C ASP B 492 -34.12 16.58 25.42
N GLY B 493 -33.03 17.29 25.68
CA GLY B 493 -31.76 16.64 25.94
C GLY B 493 -30.95 16.35 24.70
N TRP B 494 -31.33 16.90 23.56
CA TRP B 494 -30.67 16.66 22.29
C TRP B 494 -29.88 17.88 21.84
N GLY B 495 -28.83 17.62 21.07
CA GLY B 495 -28.08 18.67 20.42
C GLY B 495 -27.72 18.26 19.01
N GLU B 496 -27.69 19.23 18.11
CA GLU B 496 -27.18 18.96 16.76
C GLU B 496 -25.69 19.25 16.75
N PHE B 497 -24.89 18.21 16.87
CA PHE B 497 -23.44 18.39 16.98
C PHE B 497 -22.83 18.37 15.58
N LYS B 498 -21.61 18.91 15.48
CA LYS B 498 -21.03 19.16 14.16
C LYS B 498 -19.57 18.76 14.16
N VAL B 499 -19.06 18.42 12.97
CA VAL B 499 -17.68 17.98 12.78
C VAL B 499 -17.20 18.42 11.39
N ASN B 500 -15.92 18.79 11.30
CA ASN B 500 -15.27 19.10 10.03
C ASN B 500 -14.96 17.82 9.25
N GLY B 501 -14.65 17.99 7.96
CA GLY B 501 -14.32 16.87 7.11
C GLY B 501 -13.00 16.23 7.52
N GLY B 502 -12.97 14.91 7.49
CA GLY B 502 -11.77 14.16 7.89
C GLY B 502 -11.24 14.54 9.26
N SER B 503 -12.13 14.83 10.21
CA SER B 503 -11.72 15.43 11.47
C SER B 503 -12.49 14.82 12.64
N VAL B 504 -12.19 15.31 13.84
CA VAL B 504 -12.85 14.92 15.07
C VAL B 504 -13.32 16.19 15.77
N SER B 505 -14.51 16.15 16.39
CA SER B 505 -14.91 17.14 17.36
C SER B 505 -15.45 16.45 18.60
N VAL B 506 -15.07 16.98 19.77
CA VAL B 506 -15.52 16.46 21.08
C VAL B 506 -16.17 17.61 21.83
N TRP B 507 -17.48 17.57 21.94
CA TRP B 507 -18.30 18.65 22.51
C TRP B 507 -18.58 18.36 23.98
N VAL B 508 -18.28 19.31 24.85
CA VAL B 508 -18.50 19.15 26.30
C VAL B 508 -19.11 20.43 26.85
N PRO B 509 -19.73 20.36 28.04
CA PRO B 509 -20.40 21.56 28.57
C PRO B 509 -19.43 22.62 29.05
N ARG B 510 -19.78 23.89 28.79
CA ARG B 510 -19.18 24.98 29.53
C ARG B 510 -19.66 24.93 30.98
N LYS B 511 -18.93 25.58 31.88
CA LYS B 511 -19.36 25.73 33.26
C LYS B 511 -19.43 27.21 33.61
N THR B 512 -20.28 27.55 34.59
CA THR B 512 -20.50 28.95 34.96
C THR B 512 -20.76 29.11 36.46
C1 GLC C . -29.56 12.67 -27.84
C2 GLC C . -28.87 13.39 -26.69
C3 GLC C . -29.49 14.71 -26.40
C4 GLC C . -29.62 15.57 -27.64
C5 GLC C . -30.28 14.84 -28.80
C6 GLC C . -30.20 15.68 -30.03
O1 GLC C . -30.81 12.32 -27.44
O2 GLC C . -28.93 12.55 -25.52
O3 GLC C . -28.68 15.37 -25.39
O4 GLC C . -30.44 16.75 -27.39
O5 GLC C . -29.65 13.54 -29.07
O6 GLC C . -30.58 14.89 -31.11
C1 GLC C . -29.68 17.84 -27.07
C2 GLC C . -30.38 18.65 -25.97
C3 GLC C . -31.58 19.39 -26.45
C4 GLC C . -31.11 20.30 -27.56
C5 GLC C . -30.55 19.48 -28.73
C6 GLC C . -30.11 20.41 -29.83
O2 GLC C . -30.69 17.78 -24.86
O3 GLC C . -32.18 20.11 -25.33
O4 GLC C . -32.03 21.30 -28.08
O5 GLC C . -29.40 18.64 -28.31
O6 GLC C . -29.16 19.78 -30.62
C1 AC1 C . -33.36 21.11 -27.86
O2 AC1 C . -33.24 21.87 -30.15
C2 AC1 C . -34.02 21.10 -29.23
C4A AC1 C . -41.21 21.41 -26.78
C3 AC1 C . -35.43 21.56 -29.28
O3 AC1 C . -36.18 20.54 -30.01
C4 AC1 C . -36.07 21.81 -27.93
N4A AC1 C . -37.32 22.61 -28.15
C5 AC1 C . -35.19 22.63 -26.98
O5 AC1 C . -33.76 22.23 -26.93
C6 AC1 C . -35.72 22.60 -25.57
C1B AC1 C . -38.44 21.94 -27.48
C2B AC1 C . -39.46 21.24 -28.60
O2B AC1 C . -39.14 21.74 -29.89
C3B AC1 C . -40.80 21.49 -28.36
O3B AC1 C . -41.58 20.53 -29.11
O4 AC1 C . -42.55 21.82 -26.64
C5B AC1 C . -40.39 22.22 -25.92
C7B AC1 C . -39.10 22.87 -26.64
C6B AC1 C . -40.29 21.85 -24.44
O6B AC1 C . -41.51 21.29 -24.02
C1 GLC D . 15.48 -1.38 -3.14
C2 GLC D . 14.34 -2.39 -3.17
C3 GLC D . 14.80 -3.81 -3.13
C4 GLC D . 15.88 -4.12 -4.13
C5 GLC D . 17.04 -3.12 -4.06
C6 GLC D . 17.98 -3.36 -5.18
O1 GLC D . 16.01 -1.34 -1.88
O2 GLC D . 13.50 -2.13 -2.04
O3 GLC D . 13.66 -4.68 -3.36
O4 GLC D . 16.42 -5.43 -3.85
O5 GLC D . 16.58 -1.72 -4.13
O6 GLC D . 18.91 -2.33 -5.25
C1 GLC D . 16.17 -6.32 -4.88
C2 GLC D . 15.82 -7.69 -4.31
C3 GLC D . 16.93 -8.22 -3.45
C4 GLC D . 18.29 -8.19 -4.10
C5 GLC D . 18.55 -6.90 -4.89
C6 GLC D . 19.77 -7.12 -5.74
O2 GLC D . 14.58 -7.59 -3.57
O3 GLC D . 16.66 -9.59 -3.08
O4 GLC D . 19.25 -8.05 -3.06
O5 GLC D . 17.41 -6.44 -5.70
O6 GLC D . 20.46 -5.92 -5.91
C1 AC1 D . 19.88 -9.17 -2.58
O2 AC1 D . 20.52 -10.70 -4.32
C2 AC1 D . 21.03 -9.71 -3.43
C4A AC1 D . 24.91 -8.14 1.46
C3 AC1 D . 22.01 -10.33 -2.47
O3 AC1 D . 23.18 -9.47 -2.47
C4 AC1 D . 21.37 -10.47 -1.11
N4A AC1 D . 22.25 -11.06 -0.05
C5 AC1 D . 19.97 -11.15 -1.21
O5 AC1 D . 19.05 -10.33 -2.04
C6 AC1 D . 19.39 -11.38 0.15
C1B AC1 D . 23.13 -9.97 0.44
C2B AC1 D . 24.72 -10.51 0.59
O2B AC1 D . 24.81 -11.40 1.72
C3B AC1 D . 25.60 -9.46 0.75
O3B AC1 D . 26.14 -9.09 -0.55
O4 AC1 D . 25.91 -7.39 2.13
C5B AC1 D . 23.83 -8.49 2.35
C7B AC1 D . 22.67 -9.36 1.63
C6B AC1 D . 24.17 -8.84 3.81
O6B AC1 D . 23.56 -10.05 4.18
C1 GLC E . 28.67 -10.40 -11.11
C2 GLC E . 29.17 -10.64 -12.54
C3 GLC E . 28.83 -11.99 -13.07
C4 GLC E . 29.05 -13.04 -12.03
C5 GLC E . 27.98 -12.88 -10.95
C6 GLC E . 28.31 -13.65 -9.71
O1 GLC E . 28.03 -9.19 -11.03
O2 GLC E . 28.66 -9.61 -13.43
O3 GLC E . 29.64 -12.30 -14.22
O4 GLC E . 28.91 -14.31 -12.71
O5 GLC E . 27.74 -11.46 -10.55
O6 GLC E . 27.13 -14.20 -9.20
C1 GLC E . 30.05 -15.10 -12.80
C2 GLC E . 30.31 -15.82 -11.50
C3 GLC E . 31.20 -16.97 -11.82
C4 GLC E . 32.48 -16.63 -12.58
C5 GLC E . 32.57 -15.21 -13.17
C6 GLC E . 33.24 -15.32 -14.51
O2 GLC E . 30.95 -14.97 -10.52
O3 GLC E . 30.41 -17.88 -12.63
O4 GLC E . 33.60 -16.81 -11.66
O5 GLC E . 31.31 -14.42 -13.32
O6 GLC E . 33.16 -16.63 -14.98
C1 AC1 E . 34.37 -17.90 -11.97
O2 AC1 E . 32.59 -19.50 -11.20
C2 AC1 E . 33.98 -19.11 -11.13
C4A AC1 E . 36.51 -17.67 -4.34
C3 AC1 E . 34.37 -18.89 -9.71
O3 AC1 E . 33.86 -19.98 -8.92
C4 AC1 E . 35.86 -18.96 -9.65
N4A AC1 E . 36.34 -19.04 -8.23
C5 AC1 E . 36.50 -17.81 -10.46
O5 AC1 E . 35.87 -17.58 -11.81
C6 AC1 E . 37.96 -18.11 -10.60
C1B AC1 E . 36.13 -17.86 -7.36
C2B AC1 E . 37.59 -17.57 -6.59
O2B AC1 E . 38.69 -18.03 -7.39
C3B AC1 E . 37.68 -18.19 -5.36
O3B AC1 E . 38.99 -17.94 -4.79
O4 AC1 E . 36.68 -18.31 -3.09
C5B AC1 E . 35.20 -17.94 -4.87
C7B AC1 E . 35.04 -18.11 -6.48
C6B AC1 E . 33.97 -17.83 -3.97
O6B AC1 E . 34.17 -18.49 -2.75
C1 GLC F . -0.56 -8.45 -31.43
C2 GLC F . -1.72 -7.71 -32.13
C3 GLC F . -1.48 -7.30 -33.54
C4 GLC F . -0.13 -6.66 -33.75
C5 GLC F . 0.96 -7.65 -33.32
C6 GLC F . 2.33 -7.06 -33.46
O1 GLC F . -0.72 -9.81 -31.42
O2 GLC F . -2.94 -8.48 -32.03
O3 GLC F . -2.52 -6.33 -33.87
O4 GLC F . 0.05 -6.30 -35.14
O5 GLC F . 0.83 -8.11 -31.92
O6 GLC F . 3.25 -7.90 -32.81
C1 GLC F . -0.14 -4.94 -35.37
C2 GLC F . -0.82 -4.72 -36.71
C3 GLC F . 0.03 -5.23 -37.82
C4 GLC F . 1.34 -4.49 -37.87
C5 GLC F . 2.06 -4.60 -36.51
C6 GLC F . 3.30 -3.76 -36.53
O2 GLC F . -2.08 -5.43 -36.77
O3 GLC F . -0.71 -5.12 -39.06
O4 GLC F . 2.19 -5.05 -38.93
O5 GLC F . 1.18 -4.21 -35.38
O6 GLC F . 3.88 -3.68 -35.26
C1 AC1 F . 2.06 -4.32 -40.09
O2 AC1 F . 1.37 -6.39 -41.16
C2 AC1 F . 2.22 -5.23 -41.31
C4A AC1 F . 8.74 -7.96 -42.76
C3 AC1 F . 3.62 -5.69 -41.58
O3 AC1 F . 3.63 -6.14 -42.97
C4 AC1 F . 4.67 -4.61 -41.37
N4A AC1 F . 6.09 -5.08 -41.29
C5 AC1 F . 4.42 -3.81 -40.09
O5 AC1 F . 3.07 -3.22 -40.07
C6 AC1 F . 5.44 -2.72 -39.94
C1B AC1 F . 6.32 -6.46 -41.79
C2B AC1 F . 7.39 -7.19 -40.72
O2B AC1 F . 8.18 -6.15 -40.10
C3B AC1 F . 8.22 -8.19 -41.22
O3B AC1 F . 7.54 -9.47 -41.15
O4 AC1 F . 9.71 -6.93 -42.73
C5B AC1 F . 7.67 -7.60 -43.66
C7B AC1 F . 6.73 -6.40 -43.14
C6B AC1 F . 7.10 -8.65 -44.62
O6B AC1 F . 8.08 -9.04 -45.55
C1 GLC G . -5.55 18.16 -15.16
C2 GLC G . -6.89 17.84 -14.50
C3 GLC G . -8.00 18.64 -15.11
C4 GLC G . -7.68 20.10 -15.07
C5 GLC G . -6.43 20.39 -15.92
C6 GLC G . -5.48 21.29 -15.22
O1 GLC G . -5.00 17.02 -15.68
O2 GLC G . -7.19 16.43 -14.61
O3 GLC G . -9.25 18.39 -14.42
O4 GLC G . -8.82 20.81 -15.59
O5 GLC G . -5.68 19.16 -16.27
O6 GLC G . -6.13 22.46 -14.80
C1 GLC G . -9.47 21.58 -14.64
C2 GLC G . -10.96 21.63 -14.97
C3 GLC G . -11.22 22.35 -16.26
C4 GLC G . -10.70 23.76 -16.18
C5 GLC G . -9.19 23.70 -15.90
C6 GLC G . -8.67 25.11 -15.80
O2 GLC G . -11.50 20.30 -15.03
O3 GLC G . -12.65 22.35 -16.53
O4 GLC G . -10.94 24.50 -17.40
O5 GLC G . -8.87 22.95 -14.65
O6 GLC G . -8.93 25.61 -14.52
C1 AC1 G . -12.10 25.24 -17.37
O2 AC1 G . -12.83 24.27 -19.47
C2 AC1 G . -12.57 25.50 -18.80
C4A AC1 G . -8.53 31.47 -21.32
C3 AC1 G . -11.52 26.30 -19.51
O3 AC1 G . -11.77 26.36 -20.94
C4 AC1 G . -11.39 27.65 -18.87
N4A AC1 G . -10.32 28.39 -19.59
C5 AC1 G . -11.02 27.48 -17.39
O5 AC1 G . -11.91 26.55 -16.67
C6 AC1 G . -11.07 28.79 -16.66
C1B AC1 G . -10.71 29.75 -20.04
C2B AC1 G . -10.40 29.87 -21.67
O2B AC1 G . -10.85 28.67 -22.32
C3B AC1 G . -9.06 30.04 -21.92
O3B AC1 G . -8.80 30.03 -23.35
O4 AC1 G . -7.14 31.52 -21.52
C5B AC1 G . -8.84 31.64 -19.92
C7B AC1 G . -9.96 30.69 -19.26
C6B AC1 G . -8.61 33.02 -19.28
O6B AC1 G . -9.61 33.91 -19.70
C1 GLC H . -5.04 2.76 -8.76
C2 GLC H . -4.60 4.20 -8.53
C3 GLC H . -5.70 5.18 -8.73
C4 GLC H . -6.52 4.72 -9.90
C5 GLC H . -7.35 3.48 -9.52
C6 GLC H . -7.79 2.72 -10.72
O1 GLC H . -4.40 1.93 -7.87
O2 GLC H . -4.08 4.39 -7.21
O3 GLC H . -5.05 6.46 -8.99
O4 GLC H . -7.27 5.79 -10.53
O5 GLC H . -6.55 2.54 -8.70
O6 GLC H . -7.67 1.34 -10.50
C1 GLC H . -8.41 6.22 -9.91
C2 GLC H . -9.53 6.16 -10.94
C3 GLC H . -8.93 6.69 -12.20
C4 GLC H . -8.73 8.16 -12.04
C5 GLC H . -8.00 8.55 -10.75
C6 GLC H . -8.57 9.87 -10.31
O2 GLC H . -10.03 4.83 -11.14
O3 GLC H . -9.76 6.43 -13.36
O4 GLC H . -8.00 8.64 -13.18
O5 GLC H . -8.16 7.65 -9.57
O6 GLC H . -7.51 10.74 -10.06
C1 AC1 H . -8.78 9.53 -13.87
O2 AC1 H . -9.07 7.99 -15.68
C2 AC1 H . -8.61 9.31 -15.35
C4A AC1 H . -4.96 11.71 -19.65
C3 AC1 H . -7.18 9.55 -15.74
O3 AC1 H . -7.10 9.28 -17.16
C4 AC1 H . -6.85 10.99 -15.47
N4A AC1 H . -5.43 11.38 -15.75
C5 AC1 H . -7.07 11.34 -13.99
O5 AC1 H . -8.41 10.94 -13.50
C6 AC1 H . -6.88 12.80 -13.83
C1B AC1 H . -5.28 11.75 -17.17
C2B AC1 H . -3.88 12.58 -17.58
O2B AC1 H . -3.96 13.92 -17.07
C3B AC1 H . -3.77 12.60 -18.98
O3B AC1 H . -2.51 12.03 -19.39
O4 AC1 H . -4.76 11.59 -21.03
C5B AC1 H . -6.24 12.31 -19.32
C7B AC1 H . -6.40 12.40 -17.73
C6B AC1 H . -7.48 12.13 -20.21
O6B AC1 H . -7.46 12.99 -21.33
C1 GLC I . 8.83 -32.97 29.26
C2 GLC I . 9.43 -32.28 28.04
C3 GLC I . 10.70 -32.97 27.67
C4 GLC I . 11.69 -33.00 28.83
C5 GLC I . 11.04 -33.54 30.11
C6 GLC I . 11.97 -33.37 31.27
O1 GLC I . 8.63 -34.29 28.97
O2 GLC I . 8.47 -32.30 26.96
O3 GLC I . 11.29 -32.30 26.50
O4 GLC I . 12.81 -33.89 28.53
O5 GLC I . 9.77 -32.85 30.41
O6 GLC I . 11.34 -33.77 32.44
C1 GLC I . 13.92 -33.21 28.10
C2 GLC I . 14.64 -34.04 27.06
C3 GLC I . 15.07 -35.34 27.64
C4 GLC I . 15.96 -35.20 28.84
C5 GLC I . 15.33 -34.25 29.87
C6 GLC I . 16.31 -33.92 30.96
O2 GLC I . 13.79 -34.29 25.93
O3 GLC I . 15.79 -36.06 26.61
O4 GLC I . 16.10 -36.53 29.42
O5 GLC I . 14.86 -32.98 29.26
O6 GLC I . 15.88 -32.77 31.64
C1 AC1 I . 17.38 -36.93 29.64
O2 AC1 I . 17.67 -37.63 27.31
C2 AC1 I . 17.80 -38.04 28.69
C4A AC1 I . 15.06 -44.61 30.88
C3 AC1 I . 17.02 -39.30 28.90
O3 AC1 I . 17.60 -40.40 28.14
C4 AC1 I . 16.95 -39.72 30.33
N4A AC1 I . 16.01 -40.88 30.39
C5 AC1 I . 16.45 -38.55 31.19
O5 AC1 I . 17.39 -37.42 31.06
C6 AC1 I . 16.33 -38.90 32.64
C1B AC1 I . 16.70 -42.04 31.01
C2B AC1 I . 16.99 -43.23 29.89
O2B AC1 I . 17.51 -42.60 28.71
C3B AC1 I . 15.89 -44.02 29.58
O3B AC1 I . 16.33 -45.19 28.83
O4 AC1 I . 13.82 -45.12 30.44
C5B AC1 I . 14.86 -43.66 31.95
C7B AC1 I . 15.93 -42.46 32.14
C6B AC1 I . 13.64 -43.71 32.87
O6B AC1 I . 13.81 -42.80 33.93
C1 GLC J . -10.89 -2.29 32.05
C2 GLC J . -10.13 -3.43 32.74
C3 GLC J . -9.60 -3.13 34.10
C4 GLC J . -8.82 -1.85 34.10
C5 GLC J . -9.76 -0.70 33.66
C6 GLC J . -9.02 0.60 33.60
O1 GLC J . -12.23 -2.30 32.33
O2 GLC J . -10.97 -4.59 32.90
O3 GLC J . -8.81 -4.28 34.52
O4 GLC J . -8.32 -1.59 35.44
O5 GLC J . -10.36 -0.91 32.33
O6 GLC J . -9.93 1.61 33.27
C1 GLC J . -6.97 -1.88 35.55
C2 GLC J . -6.66 -2.55 36.87
C3 GLC J . -7.00 -1.67 38.01
C4 GLC J . -6.31 -0.34 37.97
C5 GLC J . -6.36 0.32 36.58
C6 GLC J . -5.32 1.41 36.44
O2 GLC J . -7.44 -3.76 37.01
O3 GLC J . -6.69 -2.30 39.27
O4 GLC J . -7.24 0.34 38.83
O5 GLC J . -6.17 -0.60 35.44
O6 GLC J . -5.53 2.15 35.27
C1 AC1 J . -6.80 1.14 39.86
O2 AC1 J . -4.60 0.69 40.58
C2 AC1 J . -5.37 1.65 39.86
C4A AC1 J . -8.55 8.10 41.17
C3 AC1 J . -5.38 2.92 40.62
O3 AC1 J . -5.08 4.00 39.69
C4 AC1 J . -6.72 3.13 41.30
N4A AC1 J . -6.71 4.35 42.17
C5 AC1 J . -7.12 1.87 42.11
O5 AC1 J . -7.12 0.64 41.24
C6 AC1 J . -8.46 2.05 42.75
C1B AC1 J . -7.58 5.37 41.53
C2B AC1 J . -6.59 6.57 40.89
O2B AC1 J . -5.23 6.30 41.28
C3B AC1 J . -6.94 7.84 41.28
O3B AC1 J . -6.24 8.79 40.45
O4 AC1 J . -8.84 9.45 41.45
C5B AC1 J . -9.27 7.24 42.07
C7B AC1 J . -8.51 5.86 42.48
C6B AC1 J . -10.79 7.35 42.18
O6B AC1 J . -11.29 6.31 42.99
C1 GLC K . -14.71 18.63 -0.75
C2 GLC K . -14.77 19.02 0.73
C3 GLC K . -13.73 18.26 1.49
C4 GLC K . -13.93 16.76 1.39
C5 GLC K . -14.24 16.27 -0.04
C6 GLC K . -14.93 14.94 0.04
O1 GLC K . -13.45 18.83 -1.24
O2 GLC K . -14.63 20.46 0.88
O3 GLC K . -13.73 18.65 2.88
O4 GLC K . -12.70 16.12 1.82
O5 GLC K . -15.06 17.18 -0.88
O6 GLC K . -15.16 14.43 -1.24
C1 GLC K . -12.80 15.50 3.04
C2 GLC K . -11.66 16.03 3.91
C3 GLC K . -10.39 15.22 3.92
C4 GLC K . -10.68 13.76 4.07
C5 GLC K . -11.55 13.30 2.90
C6 GLC K . -11.82 11.83 3.02
O2 GLC K . -11.37 17.36 3.45
O3 GLC K . -9.56 15.68 5.02
O4 GLC K . -9.51 12.90 4.25
O5 GLC K . -12.86 14.00 2.85
O6 GLC K . -10.95 11.25 3.93
C1 AC1 K . -8.42 13.17 3.45
O2 AC1 K . -8.80 10.79 3.02
C2 AC1 K . -8.01 11.94 2.63
C4A AC1 K . -1.34 10.66 1.47
C3 AC1 K . -6.59 11.55 2.83
O3 AC1 K . -6.24 10.48 1.89
C4 AC1 K . -5.64 12.71 2.69
N4A AC1 K . -4.29 12.12 2.88
C5 AC1 K . -5.92 13.75 3.77
O5 AC1 K . -7.29 13.65 4.35
C6 AC1 K . -5.71 15.15 3.27
C1B AC1 K . -3.17 12.92 2.32
C2B AC1 K . -2.90 12.57 0.71
O2B AC1 K . -4.05 12.90 -0.08
C3B AC1 K . -2.55 11.24 0.50
O3B AC1 K . -2.12 11.09 -0.87
O4 AC1 K . -1.50 9.27 1.58
C5B AC1 K . -1.26 11.24 2.82
C7B AC1 K . -2.03 12.64 3.11
C6B AC1 K . -0.80 10.36 4.00
O6B AC1 K . 0.22 9.48 3.62
C1 GLC L . -1.30 -9.46 8.00
C2 GLC L . -1.82 -10.49 9.01
C3 GLC L . -0.80 -11.48 9.46
C4 GLC L . 0.63 -11.03 9.35
C5 GLC L . 0.79 -9.49 9.40
C6 GLC L . 2.22 -9.12 9.18
O1 GLC L . -2.26 -8.51 7.79
O2 GLC L . -2.41 -9.83 10.16
O3 GLC L . -0.96 -12.69 8.67
O4 GLC L . 1.34 -11.58 10.50
O5 GLC L . -0.01 -8.78 8.38
O6 GLC L . 2.65 -9.57 7.93
C1 GLC L . 1.97 -12.75 10.18
C2 GLC L . 1.90 -13.65 11.41
C3 GLC L . 2.54 -12.93 12.55
C4 GLC L . 4.00 -12.73 12.26
C5 GLC L . 4.22 -11.99 10.92
C6 GLC L . 5.63 -12.18 10.44
O2 GLC L . 0.51 -13.95 11.65
O3 GLC L . 2.37 -13.67 13.79
O4 GLC L . 4.64 -12.02 13.34
O5 GLC L . 3.38 -12.46 9.80
O6 GLC L . 5.84 -11.15 9.51
C1 AC1 L . 5.53 -12.85 13.98
O2 AC1 L . 4.00 -12.97 15.78
C2 AC1 L . 5.37 -12.68 15.47
C4A AC1 L . 9.20 -7.51 18.60
C3 AC1 L . 5.77 -11.29 15.87
O3 AC1 L . 5.55 -11.08 17.29
C4 AC1 L . 7.20 -11.04 15.50
N4A AC1 L . 7.64 -9.70 15.99
C5 AC1 L . 7.37 -11.19 13.98
O5 AC1 L . 6.94 -12.56 13.58
C6 AC1 L . 8.78 -10.99 13.51
C1B AC1 L . 8.96 -9.84 16.68
C2B AC1 L . 8.78 -9.94 18.33
O2B AC1 L . 7.95 -11.07 18.62
C3B AC1 L . 8.20 -8.79 18.82
O3B AC1 L . 7.89 -8.95 20.24
O4 AC1 L . 8.47 -6.37 19.00
C5B AC1 L . 9.69 -7.42 17.24
C7B AC1 L . 9.79 -8.75 16.33
C6B AC1 L . 9.71 -6.10 16.47
O6B AC1 L . 8.97 -6.22 15.28
C1 GLC M . 14.31 -9.94 14.58
C2 GLC M . 13.99 -11.29 13.92
C3 GLC M . 14.72 -12.41 14.55
C4 GLC M . 16.21 -12.19 14.44
C5 GLC M . 16.67 -10.89 15.09
C6 GLC M . 17.75 -10.27 14.25
O1 GLC M . 13.26 -9.55 15.37
O2 GLC M . 12.57 -11.58 13.99
O3 GLC M . 14.31 -13.63 13.89
O4 GLC M . 16.94 -13.29 15.05
O5 GLC M . 15.57 -9.92 15.40
O6 GLC M . 17.29 -9.12 13.59
C1 GLC M . 17.47 -14.10 14.09
C2 GLC M . 17.35 -15.55 14.54
C3 GLC M . 18.20 -15.83 15.74
C4 GLC M . 19.64 -15.50 15.49
C5 GLC M . 19.76 -14.06 15.02
C6 GLC M . 21.17 -13.73 14.65
O2 GLC M . 15.97 -15.83 14.84
O3 GLC M . 18.04 -17.22 16.15
O4 GLC M . 20.38 -15.67 16.73
O5 GLC M . 18.91 -13.74 13.85
O6 GLC M . 21.15 -12.71 13.69
C1 AC1 M . 21.07 -16.86 16.81
O2 AC1 M . 20.27 -17.18 19.10
C2 AC1 M . 21.44 -17.15 18.26
C4A AC1 M . 27.74 -13.24 19.90
C3 AC1 M . 22.38 -16.11 18.75
O3 AC1 M . 22.66 -16.35 20.16
C4 AC1 M . 23.64 -16.11 17.97
N4A AC1 M . 24.53 -15.03 18.51
C5 AC1 M . 23.31 -15.81 16.50
O5 AC1 M . 22.30 -16.75 15.96
C6 AC1 M . 24.54 -15.96 15.67
C1B AC1 M . 25.90 -15.47 18.84
C2B AC1 M . 26.18 -15.15 20.44
O2B AC1 M . 25.05 -15.58 21.20
C3B AC1 M . 26.43 -13.83 20.70
O3B AC1 M . 26.68 -13.67 22.10
O4 AC1 M . 27.59 -11.85 19.67
C5B AC1 M . 27.98 -13.91 18.65
C7B AC1 M . 26.77 -14.76 17.98
C6B AC1 M . 29.10 -13.41 17.73
O6B AC1 M . 29.14 -14.27 16.62
CA CA N . -16.82 11.37 -20.91
CA CA O . -25.10 12.22 -22.93
CA CA P . 9.61 -12.91 -4.44
CA CA Q . -20.78 12.25 -21.82
CA CA R . 7.97 -28.64 24.12
CA CA S . -16.88 6.32 4.99
CA CA T . 7.25 -20.57 21.64
CA CA U . 8.30 -24.43 22.85
#